data_7DVK
#
_entry.id   7DVK
#
_cell.length_a   102.959
_cell.length_b   102.959
_cell.length_c   168.798
_cell.angle_alpha   90.000
_cell.angle_beta   90.000
_cell.angle_gamma   90.000
#
_symmetry.space_group_name_H-M   'P 43 21 2'
#
loop_
_entity.id
_entity.type
_entity.pdbx_description
1 polymer 'Spiro-conjugate synthase'
2 non-polymer 'methyl 4-[[(1S,6S)-6-(dimethylcarbamoyl)cyclohex-2-en-1-yl]carbamoyloxymethyl]benzoate'
3 non-polymer GLYCEROL
4 water water
#
_entity_poly.entity_id   1
_entity_poly.type   'polypeptide(L)'
_entity_poly.pdbx_seq_one_letter_code
;MGSSHHHHHHSSGLVPRGSHMEAGAAALQETIVDPGPLDVTALAVAAALAAGLHSAADDPAAALDKCIVLDELTEFAEKL
VVHDRPGGIGTTVEYVEVYEDASGVRLGTATGNAVVLKMEPHMWQFHQSVSELADGSFEAVGVIDCTAMLRRMTQVLRVT
GRSGRYAGKSGFMTLAISDPNQRPPHYSVQVVLC
;
_entity_poly.pdbx_strand_id   A,B,C,D
#
# COMPACT_ATOMS: atom_id res chain seq x y z
N ILE A 32 -19.33 6.00 -22.03
CA ILE A 32 -18.42 4.98 -22.63
C ILE A 32 -17.07 4.95 -21.88
N VAL A 33 -16.96 5.56 -20.70
CA VAL A 33 -15.67 5.66 -19.95
C VAL A 33 -15.89 5.07 -18.55
N ASP A 34 -15.37 3.86 -18.32
CA ASP A 34 -15.61 3.06 -17.08
C ASP A 34 -14.31 2.43 -16.60
N PRO A 35 -13.34 3.20 -16.05
CA PRO A 35 -12.08 2.60 -15.56
C PRO A 35 -12.33 1.72 -14.32
N GLY A 36 -11.42 0.76 -14.12
CA GLY A 36 -11.44 -0.21 -13.02
C GLY A 36 -10.08 -0.88 -12.85
N PRO A 37 -9.05 -0.13 -12.38
CA PRO A 37 -7.71 -0.68 -12.30
C PRO A 37 -7.50 -1.50 -11.02
N LEU A 38 -6.40 -2.24 -11.00
CA LEU A 38 -5.90 -3.07 -9.89
C LEU A 38 -4.61 -2.43 -9.38
N ASP A 39 -4.51 -2.17 -8.10
CA ASP A 39 -3.25 -1.72 -7.46
C ASP A 39 -2.32 -2.94 -7.38
N VAL A 40 -1.00 -2.70 -7.31
CA VAL A 40 0.05 -3.75 -7.20
C VAL A 40 -0.13 -4.59 -5.91
N THR A 41 -0.73 -4.01 -4.86
CA THR A 41 -1.03 -4.73 -3.58
C THR A 41 -2.09 -5.80 -3.84
N ALA A 42 -3.19 -5.44 -4.50
CA ALA A 42 -4.27 -6.39 -4.91
C ALA A 42 -3.69 -7.51 -5.81
N LEU A 43 -2.82 -7.14 -6.76
CA LEU A 43 -2.12 -8.07 -7.68
C LEU A 43 -1.17 -9.00 -6.91
N ALA A 44 -0.43 -8.49 -5.93
CA ALA A 44 0.43 -9.27 -5.03
C ALA A 44 -0.36 -10.35 -4.28
N VAL A 45 -1.52 -9.99 -3.74
CA VAL A 45 -2.44 -10.94 -3.08
C VAL A 45 -2.74 -12.04 -4.10
N ALA A 46 -3.22 -11.68 -5.29
CA ALA A 46 -3.63 -12.65 -6.32
C ALA A 46 -2.46 -13.58 -6.62
N ALA A 47 -1.28 -13.01 -6.84
CA ALA A 47 -0.08 -13.80 -7.17
C ALA A 47 0.17 -14.83 -6.07
N ALA A 48 0.09 -14.41 -4.81
CA ALA A 48 0.39 -15.25 -3.63
C ALA A 48 -0.65 -16.37 -3.52
N LEU A 49 -1.92 -16.02 -3.66
CA LEU A 49 -3.00 -17.04 -3.67
C LEU A 49 -2.75 -18.01 -4.82
N ALA A 50 -2.43 -17.52 -6.02
CA ALA A 50 -2.25 -18.38 -7.22
C ALA A 50 -1.08 -19.34 -6.98
N ALA A 51 -0.14 -18.93 -6.14
CA ALA A 51 1.19 -19.56 -5.94
C ALA A 51 1.16 -20.60 -4.82
N GLY A 52 0.17 -20.55 -3.92
CA GLY A 52 -0.03 -21.57 -2.88
C GLY A 52 0.21 -21.06 -1.47
N LEU A 53 0.29 -19.74 -1.29
CA LEU A 53 0.33 -19.05 0.04
C LEU A 53 -1.09 -18.54 0.35
N HIS A 54 -1.91 -19.45 0.88
CA HIS A 54 -3.41 -19.47 0.84
C HIS A 54 -4.02 -18.48 1.84
N SER A 55 -3.22 -17.84 2.71
CA SER A 55 -3.68 -16.92 3.78
C SER A 55 -3.27 -15.47 3.44
N ALA A 56 -2.93 -15.21 2.17
CA ALA A 56 -2.23 -14.01 1.70
C ALA A 56 -3.09 -12.75 1.85
N ALA A 57 -4.42 -12.90 1.92
CA ALA A 57 -5.36 -11.77 2.17
C ALA A 57 -5.23 -11.24 3.62
N ASP A 58 -4.69 -12.05 4.55
CA ASP A 58 -4.50 -11.72 5.99
C ASP A 58 -3.75 -10.39 6.12
N ASP A 59 -2.57 -10.35 5.48
CA ASP A 59 -1.64 -9.19 5.45
C ASP A 59 -1.29 -8.88 4.00
N PRO A 60 -2.07 -7.99 3.34
CA PRO A 60 -1.82 -7.58 1.96
C PRO A 60 -0.41 -7.06 1.72
N ALA A 61 0.13 -6.27 2.66
CA ALA A 61 1.47 -5.63 2.60
C ALA A 61 2.56 -6.70 2.57
N ALA A 62 2.35 -7.81 3.29
CA ALA A 62 3.31 -8.93 3.45
C ALA A 62 3.36 -9.77 2.16
N ALA A 63 2.26 -9.85 1.41
CA ALA A 63 2.20 -10.52 0.09
C ALA A 63 3.00 -9.67 -0.93
N LEU A 64 2.79 -8.35 -0.91
CA LEU A 64 3.55 -7.39 -1.76
C LEU A 64 5.06 -7.60 -1.57
N ASP A 65 5.50 -7.96 -0.36
CA ASP A 65 6.93 -8.00 0.03
C ASP A 65 7.66 -9.23 -0.52
N LYS A 66 7.00 -10.39 -0.62
CA LYS A 66 7.61 -11.64 -1.17
C LYS A 66 7.45 -11.68 -2.70
N CYS A 67 6.89 -10.63 -3.30
CA CYS A 67 6.60 -10.52 -4.74
C CYS A 67 7.65 -9.66 -5.43
N ILE A 68 8.01 -10.08 -6.65
CA ILE A 68 8.68 -9.27 -7.70
C ILE A 68 7.63 -8.33 -8.32
N VAL A 69 7.89 -7.03 -8.33
CA VAL A 69 6.91 -5.99 -8.75
C VAL A 69 7.55 -5.17 -9.87
N LEU A 70 6.92 -5.16 -11.05
CA LEU A 70 7.21 -4.18 -12.12
C LEU A 70 5.97 -3.29 -12.30
N ASP A 71 6.00 -2.04 -11.87
CA ASP A 71 4.86 -1.10 -12.08
C ASP A 71 5.37 0.23 -12.63
N GLU A 72 4.46 1.22 -12.76
CA GLU A 72 4.75 2.57 -13.32
C GLU A 72 5.60 2.42 -14.59
N LEU A 73 5.25 1.47 -15.45
CA LEU A 73 5.88 1.37 -16.80
C LEU A 73 4.75 1.27 -17.83
N THR A 74 5.04 1.67 -19.07
CA THR A 74 4.09 1.68 -20.21
C THR A 74 4.71 0.94 -21.38
N GLU A 75 3.87 0.49 -22.31
CA GLU A 75 4.36 -0.12 -23.57
C GLU A 75 3.66 0.57 -24.73
N PHE A 76 4.22 0.43 -25.92
CA PHE A 76 3.67 0.97 -27.17
C PHE A 76 4.25 0.13 -28.30
N ALA A 77 3.53 0.00 -29.41
CA ALA A 77 3.95 -0.84 -30.54
C ALA A 77 5.05 -0.12 -31.31
N GLU A 78 6.19 -0.78 -31.47
CA GLU A 78 7.31 -0.31 -32.31
C GLU A 78 7.24 -0.97 -33.70
N LYS A 79 7.06 -2.30 -33.73
CA LYS A 79 6.84 -3.14 -34.92
C LYS A 79 5.49 -3.83 -34.80
N LEU A 80 4.70 -3.77 -35.87
CA LEU A 80 3.45 -4.54 -36.03
C LEU A 80 3.47 -5.20 -37.41
N VAL A 81 3.47 -6.55 -37.49
CA VAL A 81 3.21 -7.26 -38.76
C VAL A 81 1.91 -8.03 -38.60
N VAL A 82 0.84 -7.48 -39.19
CA VAL A 82 -0.54 -8.05 -39.25
C VAL A 82 -0.65 -8.95 -40.51
N HIS A 83 -1.18 -10.17 -40.37
CA HIS A 83 -1.76 -10.97 -41.49
C HIS A 83 -3.29 -10.97 -41.40
N ASP A 84 -3.94 -10.17 -42.25
CA ASP A 84 -5.40 -9.91 -42.25
C ASP A 84 -6.16 -11.16 -42.72
N ARG A 85 -7.28 -11.46 -42.06
CA ARG A 85 -8.31 -12.45 -42.49
C ARG A 85 -9.61 -11.69 -42.78
N PRO A 86 -10.22 -11.86 -43.96
CA PRO A 86 -11.53 -11.26 -44.23
C PRO A 86 -12.51 -11.64 -43.10
N GLY A 87 -13.24 -10.63 -42.60
CA GLY A 87 -14.19 -10.79 -41.48
C GLY A 87 -13.49 -10.62 -40.13
N GLY A 88 -12.16 -10.67 -40.13
CA GLY A 88 -11.32 -10.29 -38.97
C GLY A 88 -10.91 -11.49 -38.13
N ILE A 89 -11.80 -12.48 -37.96
CA ILE A 89 -11.53 -13.66 -37.09
C ILE A 89 -10.36 -14.42 -37.72
N GLY A 90 -9.26 -14.58 -37.01
CA GLY A 90 -8.08 -15.31 -37.51
C GLY A 90 -6.94 -14.38 -37.87
N THR A 91 -7.21 -13.08 -37.98
CA THR A 91 -6.14 -12.04 -38.10
C THR A 91 -5.11 -12.29 -37.00
N THR A 92 -3.88 -12.53 -37.41
CA THR A 92 -2.70 -12.68 -36.53
C THR A 92 -1.97 -11.33 -36.50
N VAL A 93 -1.28 -11.02 -35.40
CA VAL A 93 -0.42 -9.80 -35.26
C VAL A 93 0.89 -10.22 -34.59
N GLU A 94 2.04 -10.06 -35.27
CA GLU A 94 3.40 -10.22 -34.69
C GLU A 94 3.85 -8.84 -34.21
N TYR A 95 4.26 -8.71 -32.95
CA TYR A 95 4.46 -7.37 -32.36
C TYR A 95 5.73 -7.36 -31.53
N VAL A 96 6.44 -6.23 -31.65
CA VAL A 96 7.48 -5.77 -30.71
C VAL A 96 6.93 -4.53 -30.04
N GLU A 97 6.74 -4.63 -28.73
CA GLU A 97 6.29 -3.52 -27.85
C GLU A 97 7.53 -3.08 -27.12
N VAL A 98 7.64 -1.80 -26.79
CA VAL A 98 8.80 -1.24 -26.05
C VAL A 98 8.29 -0.81 -24.68
N TYR A 99 8.97 -1.21 -23.60
CA TYR A 99 8.68 -0.75 -22.22
C TYR A 99 9.42 0.57 -21.96
N GLU A 100 8.72 1.53 -21.36
CA GLU A 100 9.22 2.85 -20.85
C GLU A 100 8.87 3.00 -19.36
N ASP A 101 9.75 3.57 -18.54
CA ASP A 101 9.45 3.92 -17.13
C ASP A 101 8.77 5.28 -17.12
N ALA A 102 8.36 5.81 -15.97
CA ALA A 102 7.47 7.00 -15.88
C ALA A 102 8.17 8.27 -16.41
N SER A 103 9.51 8.26 -16.55
CA SER A 103 10.29 9.41 -17.09
C SER A 103 10.73 9.13 -18.53
N GLY A 104 10.01 8.22 -19.22
CA GLY A 104 10.16 7.95 -20.66
C GLY A 104 11.32 7.04 -21.02
N VAL A 105 12.11 6.49 -20.08
CA VAL A 105 13.31 5.68 -20.45
C VAL A 105 12.88 4.29 -20.93
N ARG A 106 13.49 3.84 -22.01
CA ARG A 106 13.31 2.48 -22.57
C ARG A 106 13.96 1.47 -21.62
N LEU A 107 13.18 0.47 -21.13
CA LEU A 107 13.61 -0.61 -20.19
C LEU A 107 13.74 -1.96 -20.91
N GLY A 108 13.11 -2.13 -22.06
CA GLY A 108 13.16 -3.40 -22.81
C GLY A 108 11.97 -3.56 -23.73
N THR A 109 11.75 -4.79 -24.19
CA THR A 109 10.77 -5.12 -25.25
C THR A 109 9.88 -6.26 -24.77
N ALA A 110 8.68 -6.32 -25.31
CA ALA A 110 7.81 -7.50 -25.25
C ALA A 110 7.55 -7.92 -26.69
N THR A 111 8.01 -9.12 -27.04
CA THR A 111 7.85 -9.72 -28.39
C THR A 111 6.86 -10.87 -28.29
N GLY A 112 5.71 -10.73 -28.93
CA GLY A 112 4.73 -11.82 -29.05
C GLY A 112 3.84 -11.76 -30.28
N ASN A 113 2.70 -12.43 -30.14
CA ASN A 113 1.76 -12.83 -31.21
C ASN A 113 0.37 -12.70 -30.62
N ALA A 114 -0.54 -12.14 -31.40
CA ALA A 114 -1.99 -12.07 -31.08
C ALA A 114 -2.77 -12.75 -32.21
N VAL A 115 -3.92 -13.35 -31.87
CA VAL A 115 -4.93 -13.86 -32.83
C VAL A 115 -6.27 -13.24 -32.46
N VAL A 116 -7.04 -12.77 -33.44
CA VAL A 116 -8.42 -12.25 -33.23
C VAL A 116 -9.36 -13.47 -33.17
N LEU A 117 -9.96 -13.69 -32.00
CA LEU A 117 -10.81 -14.88 -31.73
C LEU A 117 -12.23 -14.55 -32.16
N LYS A 118 -12.58 -13.27 -32.02
CA LYS A 118 -13.93 -12.73 -32.27
C LYS A 118 -13.82 -11.23 -32.47
N MET A 119 -14.85 -10.66 -33.11
CA MET A 119 -14.87 -9.23 -33.51
CA MET A 119 -14.97 -9.27 -33.63
C MET A 119 -16.11 -8.53 -32.92
N GLU A 120 -17.23 -9.26 -32.76
CA GLU A 120 -18.53 -8.67 -32.36
C GLU A 120 -19.31 -9.57 -31.39
N PRO A 121 -20.02 -8.95 -30.43
CA PRO A 121 -20.01 -7.49 -30.24
C PRO A 121 -18.68 -6.90 -29.75
N HIS A 122 -17.80 -7.74 -29.18
CA HIS A 122 -16.51 -7.31 -28.61
C HIS A 122 -15.40 -8.00 -29.38
N MET A 123 -14.29 -7.30 -29.63
CA MET A 123 -13.10 -7.92 -30.25
C MET A 123 -12.28 -8.59 -29.14
N TRP A 124 -12.14 -9.90 -29.22
CA TRP A 124 -11.34 -10.68 -28.26
C TRP A 124 -10.08 -11.10 -29.00
N GLN A 125 -8.97 -11.14 -28.29
CA GLN A 125 -7.66 -11.56 -28.84
C GLN A 125 -6.99 -12.52 -27.85
N PHE A 126 -6.45 -13.63 -28.34
CA PHE A 126 -5.44 -14.43 -27.61
C PHE A 126 -4.07 -13.77 -27.74
N HIS A 127 -3.29 -13.75 -26.65
CA HIS A 127 -1.94 -13.12 -26.61
C HIS A 127 -0.92 -14.04 -25.94
N GLN A 128 0.29 -14.06 -26.51
CA GLN A 128 1.49 -14.78 -26.03
C GLN A 128 2.70 -13.87 -26.31
N SER A 129 3.41 -13.40 -25.28
CA SER A 129 4.57 -12.48 -25.43
C SER A 129 5.69 -12.93 -24.48
N VAL A 130 6.93 -12.75 -24.94
CA VAL A 130 8.16 -12.79 -24.09
C VAL A 130 8.65 -11.34 -23.92
N SER A 131 8.63 -10.88 -22.68
CA SER A 131 9.17 -9.58 -22.21
C SER A 131 10.66 -9.79 -21.89
N GLU A 132 11.54 -8.96 -22.47
CA GLU A 132 13.00 -8.95 -22.22
C GLU A 132 13.37 -7.62 -21.58
N LEU A 133 13.86 -7.68 -20.35
CA LEU A 133 14.33 -6.52 -19.56
C LEU A 133 15.80 -6.75 -19.21
N ALA A 134 16.41 -5.72 -18.63
CA ALA A 134 17.80 -5.75 -18.16
C ALA A 134 17.95 -6.89 -17.12
N ASP A 135 17.00 -7.06 -16.18
CA ASP A 135 17.13 -8.04 -15.05
C ASP A 135 16.48 -9.41 -15.35
N GLY A 136 16.07 -9.70 -16.59
CA GLY A 136 15.66 -11.04 -17.03
C GLY A 136 14.38 -11.04 -17.86
N SER A 137 13.77 -12.21 -18.09
CA SER A 137 12.61 -12.36 -19.01
C SER A 137 11.41 -13.03 -18.33
N PHE A 138 10.23 -12.80 -18.87
CA PHE A 138 8.96 -13.43 -18.43
C PHE A 138 7.98 -13.57 -19.60
N GLU A 139 7.20 -14.65 -19.59
CA GLU A 139 6.19 -14.94 -20.65
C GLU A 139 4.81 -14.56 -20.13
N ALA A 140 4.01 -13.87 -20.95
CA ALA A 140 2.61 -13.52 -20.67
C ALA A 140 1.73 -14.29 -21.65
N VAL A 141 0.63 -14.86 -21.16
CA VAL A 141 -0.43 -15.52 -21.98
C VAL A 141 -1.79 -15.07 -21.47
N GLY A 142 -2.74 -14.86 -22.36
CA GLY A 142 -4.12 -14.61 -21.93
C GLY A 142 -5.04 -14.33 -23.09
N VAL A 143 -6.31 -14.20 -22.75
CA VAL A 143 -7.38 -13.83 -23.70
C VAL A 143 -7.91 -12.51 -23.18
N ILE A 144 -7.97 -11.48 -24.04
CA ILE A 144 -8.31 -10.09 -23.63
C ILE A 144 -9.44 -9.53 -24.51
N ASP A 145 -10.33 -8.79 -23.88
CA ASP A 145 -11.47 -8.09 -24.52
C ASP A 145 -10.96 -6.71 -24.91
N CYS A 146 -10.65 -6.52 -26.19
CA CYS A 146 -10.09 -5.25 -26.71
C CYS A 146 -11.15 -4.14 -26.67
N THR A 147 -12.43 -4.50 -26.85
CA THR A 147 -13.53 -3.52 -26.73
C THR A 147 -13.53 -3.01 -25.29
N ALA A 148 -13.58 -3.89 -24.29
CA ALA A 148 -13.56 -3.49 -22.87
C ALA A 148 -12.39 -2.52 -22.63
N MET A 149 -11.26 -2.72 -23.32
CA MET A 149 -10.05 -1.87 -23.14
C MET A 149 -10.32 -0.45 -23.65
N LEU A 150 -11.17 -0.29 -24.68
CA LEU A 150 -11.57 1.03 -25.25
C LEU A 150 -12.54 1.72 -24.28
N ARG A 151 -13.31 0.96 -23.51
CA ARG A 151 -14.11 1.49 -22.37
C ARG A 151 -13.18 1.88 -21.20
N ARG A 152 -11.88 1.61 -21.32
CA ARG A 152 -10.79 1.99 -20.35
C ARG A 152 -10.68 0.93 -19.25
N MET A 153 -11.14 -0.29 -19.49
CA MET A 153 -11.10 -1.33 -18.44
C MET A 153 -9.74 -2.02 -18.47
N THR A 154 -9.32 -2.57 -17.33
CA THR A 154 -8.06 -3.31 -17.21
C THR A 154 -8.33 -4.78 -17.62
N GLN A 155 -7.38 -5.39 -18.32
CA GLN A 155 -7.36 -6.82 -18.63
C GLN A 155 -6.14 -7.43 -17.93
N VAL A 156 -6.18 -8.73 -17.66
CA VAL A 156 -5.18 -9.46 -16.83
C VAL A 156 -4.66 -10.62 -17.69
N LEU A 157 -3.34 -10.77 -17.82
CA LEU A 157 -2.71 -11.96 -18.46
C LEU A 157 -2.06 -12.77 -17.33
N ARG A 158 -1.92 -14.08 -17.51
CA ARG A 158 -1.08 -14.90 -16.61
C ARG A 158 0.37 -14.72 -17.05
N VAL A 159 1.29 -14.79 -16.09
CA VAL A 159 2.73 -14.48 -16.28
C VAL A 159 3.56 -15.58 -15.62
N THR A 160 4.57 -16.06 -16.35
CA THR A 160 5.55 -17.07 -15.91
C THR A 160 6.96 -16.49 -16.06
N GLY A 161 7.72 -16.42 -14.97
CA GLY A 161 9.14 -16.07 -15.05
C GLY A 161 9.93 -17.07 -15.88
N ARG A 162 10.80 -16.58 -16.76
CA ARG A 162 11.63 -17.42 -17.65
C ARG A 162 13.11 -17.30 -17.33
N SER A 163 13.59 -16.16 -16.79
CA SER A 163 15.03 -15.96 -16.48
C SER A 163 15.25 -14.80 -15.51
N GLY A 164 16.48 -14.72 -14.96
CA GLY A 164 16.91 -13.66 -14.03
C GLY A 164 16.04 -13.65 -12.80
N ARG A 165 15.65 -12.49 -12.29
CA ARG A 165 14.92 -12.39 -10.99
C ARG A 165 13.50 -12.96 -11.15
N TYR A 166 12.96 -13.05 -12.36
CA TYR A 166 11.57 -13.56 -12.63
C TYR A 166 11.54 -15.09 -12.61
N ALA A 167 12.67 -15.77 -12.79
CA ALA A 167 12.72 -17.24 -12.92
C ALA A 167 12.13 -17.90 -11.65
N GLY A 168 11.36 -18.98 -11.85
CA GLY A 168 10.75 -19.80 -10.78
C GLY A 168 9.50 -19.15 -10.20
N LYS A 169 9.07 -18.00 -10.73
CA LYS A 169 7.97 -17.18 -10.18
C LYS A 169 6.85 -17.01 -11.21
N SER A 170 5.62 -16.83 -10.74
CA SER A 170 4.37 -16.71 -11.56
C SER A 170 3.55 -15.58 -10.96
N GLY A 171 2.55 -15.14 -11.70
CA GLY A 171 1.70 -14.03 -11.24
C GLY A 171 0.87 -13.50 -12.37
N PHE A 172 0.61 -12.20 -12.36
CA PHE A 172 -0.36 -11.59 -13.29
C PHE A 172 0.25 -10.35 -13.94
N MET A 173 -0.26 -10.02 -15.13
CA MET A 173 0.00 -8.74 -15.82
C MET A 173 -1.34 -8.04 -16.01
N THR A 174 -1.40 -6.74 -15.68
CA THR A 174 -2.52 -5.85 -16.06
C THR A 174 -2.08 -5.02 -17.27
N LEU A 175 -3.04 -4.72 -18.15
CA LEU A 175 -2.96 -3.72 -19.24
C LEU A 175 -4.20 -2.82 -19.20
N ALA A 176 -4.03 -1.53 -19.51
CA ALA A 176 -5.09 -0.52 -19.76
C ALA A 176 -4.47 0.60 -20.61
N ILE A 177 -5.21 1.14 -21.58
CA ILE A 177 -4.77 2.34 -22.34
C ILE A 177 -4.46 3.40 -21.29
N SER A 178 -3.28 4.03 -21.31
CA SER A 178 -2.93 5.19 -20.44
C SER A 178 -3.65 6.44 -20.94
N ASP A 179 -3.40 6.87 -22.19
CA ASP A 179 -4.04 8.04 -22.85
C ASP A 179 -4.53 7.59 -24.22
N PRO A 180 -5.85 7.62 -24.50
CA PRO A 180 -6.43 6.82 -25.60
C PRO A 180 -6.08 7.37 -26.99
N ASN A 181 -6.28 8.68 -27.18
CA ASN A 181 -6.00 9.40 -28.46
C ASN A 181 -4.64 10.12 -28.35
N GLN A 182 -3.69 9.50 -27.65
CA GLN A 182 -2.23 9.58 -27.91
C GLN A 182 -1.94 8.66 -29.10
N ARG A 183 -0.90 8.97 -29.89
CA ARG A 183 -0.37 8.10 -30.97
C ARG A 183 1.15 8.12 -30.90
N PRO A 184 1.85 6.97 -31.08
CA PRO A 184 1.21 5.66 -31.10
C PRO A 184 0.61 5.34 -29.72
N PRO A 185 -0.52 4.60 -29.63
CA PRO A 185 -1.22 4.40 -28.37
C PRO A 185 -0.39 3.57 -27.36
N HIS A 186 -0.49 3.95 -26.08
CA HIS A 186 0.37 3.47 -24.95
C HIS A 186 -0.50 2.75 -23.92
N TYR A 187 0.05 1.73 -23.25
CA TYR A 187 -0.70 0.88 -22.28
C TYR A 187 0.05 0.87 -20.97
N SER A 188 -0.62 1.22 -19.86
CA SER A 188 -0.10 1.06 -18.47
C SER A 188 0.01 -0.43 -18.16
N VAL A 189 1.17 -0.83 -17.65
CA VAL A 189 1.54 -2.25 -17.37
C VAL A 189 1.93 -2.34 -15.89
N GLN A 190 1.42 -3.36 -15.22
CA GLN A 190 1.96 -3.84 -13.93
C GLN A 190 2.16 -5.33 -14.12
N VAL A 191 3.29 -5.86 -13.65
CA VAL A 191 3.60 -7.31 -13.54
C VAL A 191 3.97 -7.59 -12.08
N VAL A 192 3.41 -8.65 -11.52
CA VAL A 192 3.61 -9.02 -10.09
C VAL A 192 3.69 -10.54 -9.99
N LEU A 193 4.83 -11.07 -9.53
CA LEU A 193 5.09 -12.53 -9.43
C LEU A 193 5.59 -12.89 -8.04
N CYS A 194 5.49 -14.17 -7.72
CA CYS A 194 6.18 -14.80 -6.59
C CYS A 194 6.19 -16.32 -6.84
N ILE B 32 -24.79 1.38 -19.29
CA ILE B 32 -24.39 0.30 -18.35
C ILE B 32 -24.97 -1.06 -18.83
N VAL B 33 -24.83 -1.40 -20.12
CA VAL B 33 -25.20 -2.72 -20.72
C VAL B 33 -24.33 -2.90 -21.99
N ASP B 34 -23.48 -3.94 -22.04
CA ASP B 34 -22.36 -4.07 -23.03
C ASP B 34 -21.95 -5.53 -23.24
N PRO B 35 -22.88 -6.43 -23.63
CA PRO B 35 -22.52 -7.82 -23.86
C PRO B 35 -21.31 -7.92 -24.80
N GLY B 36 -20.45 -8.90 -24.53
CA GLY B 36 -19.29 -9.26 -25.36
C GLY B 36 -18.93 -10.73 -25.15
N PRO B 37 -19.85 -11.66 -25.48
CA PRO B 37 -19.60 -13.08 -25.22
C PRO B 37 -18.49 -13.60 -26.12
N LEU B 38 -17.95 -14.75 -25.75
CA LEU B 38 -17.15 -15.61 -26.66
C LEU B 38 -18.03 -16.78 -27.07
N ASP B 39 -17.79 -17.32 -28.26
CA ASP B 39 -18.40 -18.57 -28.77
C ASP B 39 -17.39 -19.69 -28.50
N VAL B 40 -17.84 -20.95 -28.55
CA VAL B 40 -17.00 -22.12 -28.15
C VAL B 40 -15.86 -22.31 -29.15
N THR B 41 -16.06 -21.88 -30.41
CA THR B 41 -15.05 -22.00 -31.49
C THR B 41 -13.87 -21.09 -31.15
N ALA B 42 -14.17 -19.82 -30.87
CA ALA B 42 -13.19 -18.82 -30.40
C ALA B 42 -12.40 -19.39 -29.23
N LEU B 43 -13.12 -19.90 -28.22
CA LEU B 43 -12.58 -20.59 -27.03
C LEU B 43 -11.71 -21.78 -27.45
N ALA B 44 -12.11 -22.54 -28.46
CA ALA B 44 -11.34 -23.69 -28.97
C ALA B 44 -9.99 -23.20 -29.50
N VAL B 45 -10.00 -22.10 -30.23
CA VAL B 45 -8.75 -21.56 -30.83
C VAL B 45 -7.84 -21.09 -29.69
N ALA B 46 -8.39 -20.35 -28.71
CA ALA B 46 -7.64 -19.90 -27.51
C ALA B 46 -7.01 -21.12 -26.84
N ALA B 47 -7.82 -22.12 -26.52
CA ALA B 47 -7.39 -23.37 -25.89
C ALA B 47 -6.18 -23.98 -26.62
N ALA B 48 -6.23 -24.07 -27.96
CA ALA B 48 -5.23 -24.77 -28.82
C ALA B 48 -3.93 -23.95 -28.89
N LEU B 49 -4.05 -22.67 -29.21
CA LEU B 49 -2.95 -21.70 -29.16
C LEU B 49 -2.18 -21.84 -27.85
N ALA B 50 -2.84 -21.81 -26.70
CA ALA B 50 -2.19 -21.84 -25.37
C ALA B 50 -1.65 -23.25 -25.07
N ALA B 51 -2.20 -24.28 -25.70
CA ALA B 51 -1.76 -25.68 -25.48
C ALA B 51 -0.48 -25.91 -26.28
N GLY B 52 -0.24 -25.12 -27.32
CA GLY B 52 0.96 -25.20 -28.17
C GLY B 52 0.64 -25.79 -29.54
N LEU B 53 -0.49 -25.38 -30.13
CA LEU B 53 -0.89 -25.72 -31.52
C LEU B 53 -0.91 -24.42 -32.36
N HIS B 54 0.25 -23.76 -32.45
CA HIS B 54 0.47 -22.32 -32.84
C HIS B 54 -0.26 -21.89 -34.13
N SER B 55 -0.60 -22.82 -35.04
CA SER B 55 -1.32 -22.51 -36.31
C SER B 55 -2.78 -22.95 -36.19
N ALA B 56 -3.37 -22.80 -34.99
CA ALA B 56 -4.69 -23.38 -34.60
C ALA B 56 -5.83 -22.54 -35.20
N ALA B 57 -5.58 -21.27 -35.53
CA ALA B 57 -6.55 -20.35 -36.17
C ALA B 57 -6.75 -20.70 -37.66
N ASP B 58 -5.84 -21.48 -38.27
CA ASP B 58 -5.90 -21.92 -39.69
C ASP B 58 -7.23 -22.64 -39.98
N ASP B 59 -7.62 -23.57 -39.12
CA ASP B 59 -8.92 -24.28 -39.20
C ASP B 59 -9.57 -24.23 -37.82
N PRO B 60 -10.45 -23.23 -37.55
CA PRO B 60 -11.22 -23.19 -36.30
C PRO B 60 -12.03 -24.47 -36.01
N ALA B 61 -12.74 -25.02 -37.02
CA ALA B 61 -13.48 -26.30 -36.93
C ALA B 61 -12.56 -27.43 -36.40
N ALA B 62 -11.36 -27.60 -36.97
CA ALA B 62 -10.41 -28.68 -36.56
C ALA B 62 -10.07 -28.52 -35.07
N ALA B 63 -9.92 -27.28 -34.58
CA ALA B 63 -9.63 -26.94 -33.17
C ALA B 63 -10.84 -27.27 -32.29
N LEU B 64 -12.05 -26.91 -32.70
CA LEU B 64 -13.28 -27.27 -31.96
C LEU B 64 -13.32 -28.80 -31.83
N ASP B 65 -13.10 -29.51 -32.92
CA ASP B 65 -13.22 -30.99 -32.96
C ASP B 65 -12.25 -31.63 -31.94
N LYS B 66 -11.05 -31.09 -31.72
CA LYS B 66 -10.05 -31.77 -30.85
C LYS B 66 -10.21 -31.34 -29.39
N CYS B 67 -11.15 -30.44 -29.07
CA CYS B 67 -11.37 -29.99 -27.67
C CYS B 67 -12.53 -30.72 -26.99
N ILE B 68 -12.46 -30.84 -25.68
CA ILE B 68 -13.63 -31.05 -24.80
C ILE B 68 -14.38 -29.72 -24.70
N VAL B 69 -15.70 -29.72 -24.90
CA VAL B 69 -16.54 -28.48 -24.93
C VAL B 69 -17.71 -28.68 -23.97
N LEU B 70 -17.87 -27.75 -23.01
CA LEU B 70 -19.10 -27.65 -22.19
C LEU B 70 -19.73 -26.29 -22.47
N ASP B 71 -20.69 -26.23 -23.40
CA ASP B 71 -21.44 -25.00 -23.78
C ASP B 71 -22.78 -25.01 -23.02
N GLU B 72 -23.45 -23.84 -22.94
CA GLU B 72 -24.84 -23.67 -22.43
C GLU B 72 -24.97 -24.25 -21.02
N LEU B 73 -24.01 -23.93 -20.16
CA LEU B 73 -24.04 -24.28 -18.71
C LEU B 73 -24.57 -23.07 -17.96
N THR B 74 -25.26 -23.31 -16.85
CA THR B 74 -25.49 -22.25 -15.84
C THR B 74 -24.94 -22.80 -14.53
N GLU B 75 -24.41 -21.91 -13.70
CA GLU B 75 -24.10 -22.23 -12.30
C GLU B 75 -24.82 -21.23 -11.41
N PHE B 76 -25.24 -21.71 -10.25
CA PHE B 76 -25.75 -20.87 -9.14
C PHE B 76 -25.16 -21.48 -7.89
N ALA B 77 -25.15 -20.71 -6.82
CA ALA B 77 -24.58 -21.10 -5.52
C ALA B 77 -25.60 -21.96 -4.75
N GLU B 78 -25.12 -23.05 -4.14
CA GLU B 78 -25.93 -23.87 -3.21
C GLU B 78 -25.43 -23.65 -1.77
N LYS B 79 -24.14 -23.32 -1.61
CA LYS B 79 -23.50 -22.93 -0.33
C LYS B 79 -22.52 -21.78 -0.61
N LEU B 80 -22.59 -20.68 0.14
CA LEU B 80 -21.56 -19.62 0.31
C LEU B 80 -21.20 -19.52 1.80
N VAL B 81 -19.93 -19.62 2.18
CA VAL B 81 -19.41 -19.27 3.55
C VAL B 81 -18.63 -17.96 3.44
N VAL B 82 -19.22 -16.84 3.80
CA VAL B 82 -18.62 -15.48 3.66
C VAL B 82 -17.83 -15.15 4.93
N HIS B 83 -16.60 -14.67 4.80
CA HIS B 83 -15.77 -14.19 5.93
C HIS B 83 -15.52 -12.70 5.73
N ASP B 84 -16.48 -11.86 6.09
CA ASP B 84 -16.47 -10.39 5.84
C ASP B 84 -15.24 -9.71 6.43
N ARG B 85 -14.84 -8.59 5.83
CA ARG B 85 -13.81 -7.69 6.41
C ARG B 85 -14.28 -6.26 6.21
N PRO B 86 -14.08 -5.40 7.22
CA PRO B 86 -14.42 -3.98 7.11
C PRO B 86 -13.99 -3.40 5.76
N GLY B 87 -14.93 -2.86 4.99
CA GLY B 87 -14.63 -2.12 3.74
C GLY B 87 -14.58 -3.04 2.54
N GLY B 88 -14.60 -4.35 2.76
CA GLY B 88 -14.73 -5.35 1.68
C GLY B 88 -13.41 -5.96 1.24
N ILE B 89 -12.30 -5.20 1.22
CA ILE B 89 -11.01 -5.71 0.68
C ILE B 89 -10.52 -6.82 1.61
N GLY B 90 -10.35 -8.04 1.08
CA GLY B 90 -9.92 -9.24 1.83
C GLY B 90 -11.09 -10.15 2.24
N THR B 91 -12.34 -9.72 2.00
CA THR B 91 -13.54 -10.56 2.23
C THR B 91 -13.34 -11.86 1.43
N THR B 92 -13.31 -13.01 2.10
CA THR B 92 -13.14 -14.35 1.46
C THR B 92 -14.47 -15.11 1.48
N VAL B 93 -14.84 -15.67 0.32
CA VAL B 93 -16.06 -16.51 0.15
C VAL B 93 -15.64 -17.92 -0.22
N GLU B 94 -15.90 -18.90 0.63
CA GLU B 94 -15.84 -20.34 0.23
C GLU B 94 -17.18 -20.65 -0.41
N TYR B 95 -17.19 -21.22 -1.61
CA TYR B 95 -18.46 -21.46 -2.36
C TYR B 95 -18.53 -22.92 -2.86
N VAL B 96 -19.75 -23.45 -2.92
CA VAL B 96 -20.11 -24.69 -3.67
C VAL B 96 -21.16 -24.26 -4.69
N GLU B 97 -20.77 -24.14 -5.97
CA GLU B 97 -21.68 -23.80 -7.09
C GLU B 97 -22.13 -25.10 -7.77
N VAL B 98 -23.35 -25.08 -8.30
CA VAL B 98 -24.01 -26.21 -9.00
C VAL B 98 -24.01 -25.88 -10.49
N TYR B 99 -23.49 -26.81 -11.32
CA TYR B 99 -23.55 -26.78 -12.80
C TYR B 99 -24.86 -27.47 -13.22
N GLU B 100 -25.70 -26.74 -13.96
CA GLU B 100 -26.86 -27.27 -14.72
C GLU B 100 -26.55 -27.15 -16.22
N ASP B 101 -26.87 -28.21 -16.98
CA ASP B 101 -26.84 -28.20 -18.46
C ASP B 101 -28.07 -27.44 -18.96
N ALA B 102 -28.23 -27.33 -20.28
CA ALA B 102 -29.21 -26.44 -20.96
C ALA B 102 -30.64 -26.88 -20.66
N SER B 103 -30.86 -28.20 -20.55
CA SER B 103 -32.12 -28.83 -20.11
C SER B 103 -32.44 -28.35 -18.68
N GLY B 104 -31.55 -28.66 -17.73
CA GLY B 104 -31.67 -28.34 -16.30
C GLY B 104 -31.12 -29.43 -15.40
N VAL B 105 -30.26 -30.30 -15.92
CA VAL B 105 -29.76 -31.46 -15.15
C VAL B 105 -28.49 -31.02 -14.44
N ARG B 106 -28.39 -31.39 -13.17
CA ARG B 106 -27.17 -31.16 -12.36
C ARG B 106 -26.03 -32.06 -12.90
N LEU B 107 -24.97 -31.45 -13.47
CA LEU B 107 -23.74 -32.16 -13.92
C LEU B 107 -22.79 -32.34 -12.75
N GLY B 108 -22.78 -31.40 -11.81
CA GLY B 108 -21.85 -31.47 -10.67
C GLY B 108 -21.65 -30.12 -10.04
N THR B 109 -20.61 -30.01 -9.22
CA THR B 109 -20.34 -28.81 -8.39
C THR B 109 -19.00 -28.16 -8.77
N ALA B 110 -18.88 -26.88 -8.51
CA ALA B 110 -17.60 -26.14 -8.50
C ALA B 110 -17.38 -25.63 -7.07
N THR B 111 -16.35 -26.15 -6.40
CA THR B 111 -15.98 -25.90 -5.00
C THR B 111 -14.72 -25.01 -5.02
N GLY B 112 -14.76 -23.84 -4.41
CA GLY B 112 -13.58 -22.94 -4.44
C GLY B 112 -13.68 -21.81 -3.45
N ASN B 113 -12.81 -20.82 -3.66
CA ASN B 113 -12.47 -19.65 -2.79
C ASN B 113 -12.48 -18.43 -3.70
N ALA B 114 -13.19 -17.38 -3.30
CA ALA B 114 -13.11 -16.05 -3.89
C ALA B 114 -12.52 -15.13 -2.82
N VAL B 115 -11.70 -14.16 -3.25
CA VAL B 115 -11.02 -13.16 -2.36
C VAL B 115 -11.17 -11.84 -3.09
N VAL B 116 -11.75 -10.86 -2.40
CA VAL B 116 -11.96 -9.48 -2.92
C VAL B 116 -10.59 -8.80 -2.82
N LEU B 117 -10.02 -8.50 -3.98
CA LEU B 117 -8.68 -7.88 -4.09
C LEU B 117 -8.85 -6.37 -3.95
N LYS B 118 -10.01 -5.86 -4.39
CA LYS B 118 -10.31 -4.42 -4.55
C LYS B 118 -11.82 -4.23 -4.73
N MET B 119 -12.34 -3.04 -4.38
CA MET B 119 -13.79 -2.67 -4.43
C MET B 119 -14.02 -1.52 -5.42
N GLU B 120 -13.10 -0.56 -5.55
CA GLU B 120 -13.37 0.79 -6.14
C GLU B 120 -12.30 1.16 -7.16
N PRO B 121 -12.64 1.76 -8.32
CA PRO B 121 -14.03 1.87 -8.78
C PRO B 121 -14.66 0.57 -9.33
N HIS B 122 -13.89 -0.53 -9.45
CA HIS B 122 -14.41 -1.89 -9.81
C HIS B 122 -14.08 -2.89 -8.70
N MET B 123 -14.99 -3.80 -8.43
CA MET B 123 -14.72 -4.96 -7.55
C MET B 123 -14.00 -6.03 -8.37
N TRP B 124 -12.83 -6.44 -7.89
CA TRP B 124 -11.99 -7.53 -8.44
C TRP B 124 -11.87 -8.62 -7.39
N GLN B 125 -12.10 -9.86 -7.82
CA GLN B 125 -11.97 -11.07 -6.96
C GLN B 125 -10.93 -12.01 -7.58
N PHE B 126 -10.08 -12.62 -6.77
CA PHE B 126 -9.29 -13.80 -7.18
C PHE B 126 -10.18 -15.04 -7.00
N HIS B 127 -10.12 -16.00 -7.92
CA HIS B 127 -10.95 -17.24 -7.92
C HIS B 127 -10.07 -18.46 -8.16
N GLN B 128 -10.20 -19.45 -7.28
CA GLN B 128 -9.61 -20.80 -7.44
C GLN B 128 -10.75 -21.78 -7.20
N SER B 129 -11.05 -22.69 -8.13
CA SER B 129 -12.19 -23.65 -7.97
C SER B 129 -11.81 -24.99 -8.58
N VAL B 130 -12.20 -26.08 -7.91
CA VAL B 130 -12.19 -27.46 -8.46
C VAL B 130 -13.63 -27.79 -8.83
N SER B 131 -13.83 -28.15 -10.10
CA SER B 131 -15.11 -28.59 -10.71
C SER B 131 -15.12 -30.14 -10.76
N GLU B 132 -16.08 -30.77 -10.07
CA GLU B 132 -16.22 -32.24 -9.92
C GLU B 132 -17.48 -32.70 -10.66
N LEU B 133 -17.29 -33.34 -11.80
CA LEU B 133 -18.38 -33.96 -12.59
C LEU B 133 -18.26 -35.48 -12.45
N ALA B 134 -19.23 -36.22 -12.98
CA ALA B 134 -19.28 -37.70 -12.88
C ALA B 134 -18.08 -38.33 -13.63
N ASP B 135 -17.62 -37.69 -14.71
CA ASP B 135 -16.54 -38.19 -15.60
C ASP B 135 -15.19 -37.51 -15.28
N GLY B 136 -15.08 -36.74 -14.17
CA GLY B 136 -13.79 -36.18 -13.71
C GLY B 136 -13.85 -34.73 -13.23
N SER B 137 -12.68 -34.11 -13.09
CA SER B 137 -12.47 -32.81 -12.41
C SER B 137 -11.53 -31.91 -13.22
N PHE B 138 -11.66 -30.59 -13.07
CA PHE B 138 -10.74 -29.56 -13.62
C PHE B 138 -10.73 -28.34 -12.69
N GLU B 139 -9.58 -27.70 -12.60
CA GLU B 139 -9.41 -26.49 -11.78
C GLU B 139 -9.64 -25.27 -12.65
N ALA B 140 -10.11 -24.19 -12.03
CA ALA B 140 -10.16 -22.86 -12.63
C ALA B 140 -9.49 -21.87 -11.67
N VAL B 141 -8.62 -21.03 -12.23
CA VAL B 141 -7.89 -19.95 -11.52
C VAL B 141 -8.10 -18.68 -12.32
N GLY B 142 -8.26 -17.55 -11.68
CA GLY B 142 -8.30 -16.28 -12.42
C GLY B 142 -8.51 -15.10 -11.52
N VAL B 143 -8.56 -13.94 -12.15
CA VAL B 143 -8.76 -12.60 -11.55
C VAL B 143 -9.79 -11.91 -12.40
N ILE B 144 -10.97 -11.67 -11.82
CA ILE B 144 -12.16 -11.22 -12.58
C ILE B 144 -12.69 -9.91 -12.00
N ASP B 145 -13.15 -9.07 -12.92
CA ASP B 145 -13.76 -7.75 -12.72
C ASP B 145 -15.25 -8.00 -12.62
N CYS B 146 -15.74 -8.05 -11.38
CA CYS B 146 -17.14 -8.28 -11.01
C CYS B 146 -18.03 -7.09 -11.44
N THR B 147 -17.51 -5.86 -11.46
CA THR B 147 -18.27 -4.66 -11.90
C THR B 147 -18.52 -4.74 -13.41
N ALA B 148 -17.52 -5.15 -14.18
CA ALA B 148 -17.62 -5.45 -15.63
C ALA B 148 -18.70 -6.50 -15.86
N MET B 149 -18.75 -7.53 -15.05
CA MET B 149 -19.82 -8.56 -15.17
C MET B 149 -21.20 -7.93 -14.97
N LEU B 150 -21.34 -6.93 -14.10
CA LEU B 150 -22.65 -6.27 -13.81
C LEU B 150 -23.06 -5.47 -15.05
N ARG B 151 -22.08 -5.04 -15.84
CA ARG B 151 -22.23 -4.42 -17.18
C ARG B 151 -22.48 -5.50 -18.27
N ARG B 152 -22.87 -6.71 -17.86
CA ARG B 152 -23.21 -7.87 -18.75
CA ARG B 152 -23.22 -7.84 -18.77
C ARG B 152 -21.98 -8.37 -19.52
N MET B 153 -20.77 -8.04 -19.08
CA MET B 153 -19.53 -8.48 -19.80
C MET B 153 -19.04 -9.85 -19.31
N THR B 154 -18.27 -10.50 -20.19
CA THR B 154 -17.71 -11.85 -19.99
C THR B 154 -16.27 -11.73 -19.48
N GLN B 155 -15.95 -12.56 -18.48
CA GLN B 155 -14.64 -12.76 -17.84
C GLN B 155 -14.19 -14.18 -18.15
N VAL B 156 -12.89 -14.41 -18.11
CA VAL B 156 -12.23 -15.69 -18.50
C VAL B 156 -11.37 -16.16 -17.34
N LEU B 157 -11.44 -17.45 -17.05
CA LEU B 157 -10.50 -18.09 -16.11
CA LEU B 157 -10.55 -18.13 -16.09
C LEU B 157 -9.70 -19.15 -16.87
N ARG B 158 -8.55 -19.50 -16.34
CA ARG B 158 -7.66 -20.56 -16.91
CA ARG B 158 -7.68 -20.56 -16.90
C ARG B 158 -8.06 -21.89 -16.28
N VAL B 159 -8.39 -22.88 -17.13
CA VAL B 159 -8.81 -24.27 -16.77
C VAL B 159 -7.63 -25.22 -16.96
N THR B 160 -7.29 -26.01 -15.94
CA THR B 160 -6.37 -27.17 -16.03
C THR B 160 -7.15 -28.45 -15.72
N GLY B 161 -7.14 -29.42 -16.65
CA GLY B 161 -7.68 -30.78 -16.37
C GLY B 161 -6.99 -31.42 -15.18
N ARG B 162 -7.71 -32.22 -14.38
CA ARG B 162 -7.19 -32.80 -13.11
C ARG B 162 -7.52 -34.29 -12.98
N SER B 163 -8.67 -34.75 -13.47
CA SER B 163 -9.07 -36.19 -13.40
C SER B 163 -10.01 -36.52 -14.54
N GLY B 164 -10.10 -37.82 -14.88
CA GLY B 164 -10.97 -38.34 -15.94
C GLY B 164 -10.58 -37.76 -17.27
N ARG B 165 -11.52 -37.68 -18.20
CA ARG B 165 -11.29 -37.19 -19.60
C ARG B 165 -10.64 -35.79 -19.59
N TYR B 166 -10.81 -34.95 -18.56
CA TYR B 166 -10.21 -33.58 -18.48
C TYR B 166 -8.71 -33.63 -18.17
N ALA B 167 -8.22 -34.70 -17.54
CA ALA B 167 -6.81 -34.89 -17.15
C ALA B 167 -5.86 -34.73 -18.35
N GLY B 168 -4.84 -33.89 -18.20
CA GLY B 168 -3.80 -33.72 -19.22
C GLY B 168 -4.23 -32.77 -20.32
N LYS B 169 -5.42 -32.17 -20.20
CA LYS B 169 -5.91 -31.07 -21.06
C LYS B 169 -5.94 -29.73 -20.30
N SER B 170 -6.08 -28.62 -21.04
CA SER B 170 -6.09 -27.24 -20.48
CA SER B 170 -6.04 -27.23 -20.51
C SER B 170 -6.80 -26.30 -21.45
N GLY B 171 -7.33 -25.18 -20.92
CA GLY B 171 -8.08 -24.22 -21.75
C GLY B 171 -8.61 -23.04 -20.94
N PHE B 172 -9.82 -22.60 -21.26
CA PHE B 172 -10.46 -21.42 -20.62
C PHE B 172 -11.90 -21.72 -20.24
N MET B 173 -12.42 -20.90 -19.33
CA MET B 173 -13.82 -20.93 -18.85
C MET B 173 -14.31 -19.50 -18.94
N THR B 174 -15.52 -19.30 -19.44
CA THR B 174 -16.20 -17.98 -19.52
C THR B 174 -17.23 -17.91 -18.39
N LEU B 175 -17.37 -16.74 -17.78
CA LEU B 175 -18.48 -16.42 -16.84
C LEU B 175 -19.19 -15.16 -17.32
N ALA B 176 -20.49 -15.06 -17.03
CA ALA B 176 -21.31 -13.86 -17.27
C ALA B 176 -22.62 -14.01 -16.48
N ILE B 177 -23.20 -12.89 -16.06
CA ILE B 177 -24.51 -12.84 -15.36
C ILE B 177 -25.55 -13.28 -16.38
N SER B 178 -26.28 -14.34 -16.04
CA SER B 178 -27.27 -15.07 -16.87
C SER B 178 -28.48 -14.17 -17.09
N ASP B 179 -29.16 -13.83 -15.99
CA ASP B 179 -30.29 -12.87 -15.92
C ASP B 179 -29.91 -11.79 -14.93
N PRO B 180 -29.77 -10.51 -15.35
CA PRO B 180 -29.23 -9.48 -14.47
C PRO B 180 -30.24 -8.93 -13.45
N ASN B 181 -31.52 -9.33 -13.58
CA ASN B 181 -32.62 -8.99 -12.64
C ASN B 181 -33.04 -10.27 -11.89
N GLN B 182 -32.10 -11.21 -11.69
CA GLN B 182 -32.25 -12.40 -10.83
C GLN B 182 -31.49 -12.16 -9.51
N ARG B 183 -32.03 -12.70 -8.41
CA ARG B 183 -31.31 -12.91 -7.13
C ARG B 183 -31.78 -14.25 -6.53
N PRO B 184 -30.86 -15.11 -6.02
CA PRO B 184 -29.42 -14.90 -6.18
C PRO B 184 -29.03 -15.06 -7.66
N PRO B 185 -27.90 -14.47 -8.11
CA PRO B 185 -27.55 -14.47 -9.53
C PRO B 185 -27.14 -15.88 -10.02
N HIS B 186 -27.43 -16.15 -11.29
CA HIS B 186 -27.05 -17.37 -12.04
C HIS B 186 -25.97 -16.98 -13.04
N TYR B 187 -25.06 -17.89 -13.40
CA TYR B 187 -23.91 -17.57 -14.25
C TYR B 187 -24.00 -18.45 -15.49
N SER B 188 -23.82 -17.85 -16.67
CA SER B 188 -23.59 -18.56 -17.96
C SER B 188 -22.12 -18.94 -18.02
N VAL B 189 -21.85 -20.19 -18.33
CA VAL B 189 -20.50 -20.79 -18.19
C VAL B 189 -20.21 -21.62 -19.45
N GLN B 190 -19.03 -21.43 -20.02
CA GLN B 190 -18.48 -22.36 -21.04
C GLN B 190 -17.11 -22.84 -20.54
N VAL B 191 -16.74 -24.06 -20.93
CA VAL B 191 -15.43 -24.63 -20.59
C VAL B 191 -14.93 -25.33 -21.84
N VAL B 192 -13.72 -24.97 -22.28
CA VAL B 192 -13.09 -25.58 -23.48
C VAL B 192 -11.63 -25.91 -23.12
N LEU B 193 -11.27 -27.20 -23.16
CA LEU B 193 -9.89 -27.72 -22.99
C LEU B 193 -9.46 -28.50 -24.23
N CYS B 194 -8.16 -28.71 -24.34
CA CYS B 194 -7.52 -29.69 -25.25
C CYS B 194 -6.13 -29.95 -24.69
N ILE C 32 -5.87 -0.14 28.87
CA ILE C 32 -6.38 0.93 27.94
C ILE C 32 -6.15 2.31 28.54
N VAL C 33 -5.48 2.45 29.70
CA VAL C 33 -5.28 3.78 30.35
C VAL C 33 -3.88 3.88 30.97
N ASP C 34 -2.92 4.34 30.16
CA ASP C 34 -1.48 4.50 30.51
C ASP C 34 -1.06 5.97 30.37
N PRO C 35 -1.32 6.86 31.35
CA PRO C 35 -0.82 8.23 31.30
C PRO C 35 0.71 8.27 31.32
N GLY C 36 1.28 9.35 30.80
CA GLY C 36 2.74 9.55 30.74
C GLY C 36 3.10 10.98 30.35
N PRO C 37 2.75 11.97 31.19
CA PRO C 37 3.02 13.37 30.89
C PRO C 37 4.50 13.72 31.10
N LEU C 38 4.91 14.87 30.57
CA LEU C 38 6.17 15.60 30.92
C LEU C 38 5.78 16.82 31.76
N ASP C 39 6.61 17.13 32.76
CA ASP C 39 6.60 18.40 33.53
C ASP C 39 7.34 19.46 32.70
N VAL C 40 7.11 20.74 32.98
CA VAL C 40 7.71 21.90 32.22
C VAL C 40 9.24 21.88 32.34
N THR C 41 9.79 21.37 33.45
CA THR C 41 11.26 21.37 33.73
C THR C 41 11.94 20.38 32.78
N ALA C 42 11.39 19.17 32.64
CA ALA C 42 11.80 18.16 31.64
C ALA C 42 11.76 18.77 30.23
N LEU C 43 10.65 19.42 29.90
CA LEU C 43 10.45 20.18 28.63
C LEU C 43 11.55 21.22 28.45
N ALA C 44 11.88 22.00 29.50
CA ALA C 44 12.88 23.10 29.41
C ALA C 44 14.26 22.51 29.13
N VAL C 45 14.59 21.40 29.77
CA VAL C 45 15.87 20.67 29.53
C VAL C 45 15.88 20.22 28.07
N ALA C 46 14.79 19.61 27.59
CA ALA C 46 14.69 19.10 26.19
C ALA C 46 14.89 20.27 25.22
N ALA C 47 14.16 21.37 25.43
CA ALA C 47 14.27 22.62 24.65
C ALA C 47 15.72 23.16 24.66
N ALA C 48 16.39 23.18 25.80
CA ALA C 48 17.77 23.76 25.91
C ALA C 48 18.76 22.87 25.15
N LEU C 49 18.69 21.56 25.37
CA LEU C 49 19.50 20.56 24.59
C LEU C 49 19.31 20.79 23.08
N ALA C 50 18.09 20.84 22.59
CA ALA C 50 17.80 21.01 21.14
C ALA C 50 18.30 22.38 20.68
N ALA C 51 18.24 23.41 21.54
CA ALA C 51 18.66 24.79 21.23
C ALA C 51 20.19 24.87 21.13
N GLY C 52 20.91 23.81 21.52
CA GLY C 52 22.37 23.67 21.39
C GLY C 52 23.12 23.94 22.68
N LEU C 53 22.42 24.00 23.82
CA LEU C 53 23.02 24.18 25.18
C LEU C 53 23.33 22.78 25.77
N HIS C 54 24.39 22.14 25.25
CA HIS C 54 24.73 20.68 25.41
C HIS C 54 24.85 20.28 26.90
N SER C 55 25.06 21.23 27.82
CA SER C 55 25.24 21.00 29.28
C SER C 55 23.94 21.25 30.07
N ALA C 56 22.80 21.44 29.39
CA ALA C 56 21.52 21.93 29.96
C ALA C 56 21.03 21.04 31.11
N ALA C 57 21.25 19.72 31.02
CA ALA C 57 20.75 18.70 31.99
C ALA C 57 21.18 19.04 33.44
N ASP C 58 22.31 19.77 33.59
CA ASP C 58 23.08 19.99 34.85
C ASP C 58 22.27 20.79 35.89
N ASP C 59 21.74 21.95 35.51
CA ASP C 59 20.82 22.75 36.36
C ASP C 59 19.46 22.79 35.66
N PRO C 60 18.57 21.78 35.88
CA PRO C 60 17.23 21.81 35.32
C PRO C 60 16.50 23.11 35.69
N ALA C 61 16.58 23.51 36.97
CA ALA C 61 15.87 24.69 37.52
C ALA C 61 16.27 25.95 36.76
N ALA C 62 17.48 26.00 36.21
CA ALA C 62 18.05 27.19 35.50
C ALA C 62 17.69 27.17 34.01
N ALA C 63 17.47 26.00 33.40
CA ALA C 63 17.08 25.85 31.98
C ALA C 63 15.60 26.25 31.82
N LEU C 64 14.76 25.90 32.81
CA LEU C 64 13.38 26.41 32.97
C LEU C 64 13.44 27.95 32.95
N ASP C 65 14.48 28.48 33.59
CA ASP C 65 14.62 29.91 33.94
C ASP C 65 14.83 30.74 32.68
N LYS C 66 15.51 30.17 31.67
CA LYS C 66 15.78 30.89 30.40
C LYS C 66 14.70 30.53 29.35
N CYS C 67 13.71 29.71 29.72
CA CYS C 67 12.63 29.33 28.79
C CYS C 67 11.42 30.24 28.98
N ILE C 68 10.77 30.58 27.88
CA ILE C 68 9.33 30.96 27.84
C ILE C 68 8.46 29.73 28.08
N VAL C 69 7.50 29.84 28.99
CA VAL C 69 6.67 28.72 29.52
C VAL C 69 5.19 29.07 29.44
N LEU C 70 4.43 28.17 28.83
CA LEU C 70 2.95 28.13 28.80
C LEU C 70 2.54 26.73 29.25
N ASP C 71 2.20 26.51 30.53
CA ASP C 71 1.59 25.22 30.95
C ASP C 71 0.21 25.44 31.56
N GLU C 72 -0.50 24.32 31.78
CA GLU C 72 -1.92 24.25 32.18
C GLU C 72 -2.75 24.96 31.12
N LEU C 73 -2.34 24.91 29.86
CA LEU C 73 -3.15 25.38 28.73
C LEU C 73 -4.18 24.31 28.42
N THR C 74 -5.34 24.75 27.93
CA THR C 74 -6.43 23.90 27.41
C THR C 74 -6.74 24.38 26.00
N GLU C 75 -7.02 23.44 25.11
CA GLU C 75 -7.20 23.71 23.68
C GLU C 75 -8.45 22.97 23.23
N PHE C 76 -9.38 23.65 22.53
CA PHE C 76 -10.60 23.06 21.96
C PHE C 76 -10.87 23.75 20.63
N ALA C 77 -11.57 23.07 19.72
CA ALA C 77 -11.83 23.53 18.34
C ALA C 77 -12.96 24.56 18.35
N GLU C 78 -12.76 25.63 17.60
CA GLU C 78 -13.80 26.63 17.24
C GLU C 78 -14.25 26.35 15.80
N LYS C 79 -13.32 26.09 14.88
CA LYS C 79 -13.63 25.72 13.47
C LYS C 79 -12.83 24.47 13.05
N LEU C 80 -13.51 23.47 12.49
CA LEU C 80 -12.91 22.33 11.75
C LEU C 80 -13.53 22.28 10.35
N VAL C 81 -12.71 22.43 9.30
CA VAL C 81 -13.09 22.13 7.88
C VAL C 81 -12.43 20.80 7.47
N VAL C 82 -13.18 19.70 7.49
CA VAL C 82 -12.73 18.33 7.13
C VAL C 82 -12.92 18.11 5.62
N HIS C 83 -11.90 17.66 4.89
CA HIS C 83 -12.04 17.17 3.50
C HIS C 83 -11.90 15.66 3.57
N ASP C 84 -13.02 14.93 3.66
CA ASP C 84 -12.97 13.47 3.92
C ASP C 84 -12.36 12.77 2.71
N ARG C 85 -11.80 11.58 2.96
CA ARG C 85 -11.32 10.62 1.93
C ARG C 85 -11.90 9.24 2.28
N PRO C 86 -12.27 8.43 1.26
CA PRO C 86 -12.72 7.06 1.52
C PRO C 86 -11.58 6.27 2.19
N GLY C 87 -11.88 5.64 3.32
CA GLY C 87 -10.89 4.88 4.11
C GLY C 87 -10.41 5.65 5.33
N GLY C 88 -10.24 6.98 5.21
CA GLY C 88 -9.66 7.84 6.27
C GLY C 88 -8.31 8.41 5.90
N ILE C 89 -7.45 7.61 5.23
CA ILE C 89 -6.09 8.02 4.79
C ILE C 89 -6.22 9.17 3.79
N GLY C 90 -5.49 10.26 4.03
CA GLY C 90 -5.46 11.46 3.19
C GLY C 90 -6.51 12.49 3.59
N THR C 91 -7.38 12.16 4.57
CA THR C 91 -8.35 13.10 5.18
C THR C 91 -7.56 14.29 5.75
N THR C 92 -7.86 15.51 5.32
CA THR C 92 -7.20 16.76 5.80
C THR C 92 -8.21 17.60 6.60
N VAL C 93 -7.77 18.14 7.74
CA VAL C 93 -8.59 19.02 8.63
C VAL C 93 -7.90 20.37 8.81
N GLU C 94 -8.50 21.44 8.30
CA GLU C 94 -8.09 22.85 8.60
C GLU C 94 -8.75 23.24 9.92
N TYR C 95 -7.98 23.46 10.97
CA TYR C 95 -8.53 23.68 12.34
C TYR C 95 -8.17 25.09 12.83
N VAL C 96 -9.06 25.68 13.63
CA VAL C 96 -8.79 26.91 14.44
C VAL C 96 -9.13 26.55 15.88
N GLU C 97 -8.12 26.22 16.71
CA GLU C 97 -8.27 25.87 18.14
C GLU C 97 -8.07 27.11 19.01
N VAL C 98 -8.65 27.10 20.21
CA VAL C 98 -8.68 28.23 21.17
C VAL C 98 -7.83 27.82 22.37
N TYR C 99 -6.96 28.70 22.84
CA TYR C 99 -6.12 28.45 24.02
C TYR C 99 -6.80 29.17 25.18
N GLU C 100 -7.08 28.41 26.24
CA GLU C 100 -7.47 28.92 27.57
C GLU C 100 -6.39 28.50 28.57
N ASP C 101 -6.16 29.31 29.59
CA ASP C 101 -5.32 28.89 30.73
C ASP C 101 -6.24 28.33 31.82
N ALA C 102 -5.65 27.90 32.94
CA ALA C 102 -6.35 27.29 34.10
C ALA C 102 -7.46 28.23 34.61
N SER C 103 -7.18 29.54 34.74
CA SER C 103 -8.13 30.62 35.14
C SER C 103 -9.41 30.53 34.32
N GLY C 104 -9.31 30.17 33.02
CA GLY C 104 -10.42 30.21 32.05
C GLY C 104 -10.28 31.39 31.09
N VAL C 105 -9.18 32.14 31.15
CA VAL C 105 -8.91 33.29 30.24
C VAL C 105 -8.50 32.72 28.87
N ARG C 106 -8.98 33.32 27.80
CA ARG C 106 -8.53 33.00 26.43
C ARG C 106 -7.22 33.74 26.15
N LEU C 107 -6.17 33.02 25.72
CA LEU C 107 -4.82 33.57 25.44
C LEU C 107 -4.60 33.79 23.93
N GLY C 108 -5.37 33.12 23.06
CA GLY C 108 -5.07 33.10 21.62
C GLY C 108 -5.57 31.83 20.94
N THR C 109 -5.23 31.66 19.67
CA THR C 109 -5.77 30.60 18.79
C THR C 109 -4.62 29.86 18.12
N ALA C 110 -4.82 28.58 17.79
CA ALA C 110 -3.89 27.81 16.95
C ALA C 110 -4.59 27.47 15.63
N THR C 111 -4.04 27.95 14.51
CA THR C 111 -4.56 27.73 13.13
C THR C 111 -3.63 26.76 12.40
N GLY C 112 -4.16 25.62 11.98
CA GLY C 112 -3.32 24.54 11.42
C GLY C 112 -4.07 23.60 10.51
N ASN C 113 -3.33 22.62 10.02
CA ASN C 113 -3.78 21.55 9.09
C ASN C 113 -3.35 20.22 9.67
N ALA C 114 -4.26 19.26 9.69
CA ALA C 114 -3.97 17.87 10.11
C ALA C 114 -4.21 16.93 8.92
N VAL C 115 -3.23 16.09 8.59
CA VAL C 115 -3.40 15.04 7.53
C VAL C 115 -3.38 13.66 8.21
N VAL C 116 -4.36 12.81 7.87
CA VAL C 116 -4.38 11.38 8.32
C VAL C 116 -3.37 10.65 7.44
N LEU C 117 -2.29 10.17 8.05
CA LEU C 117 -1.19 9.46 7.34
C LEU C 117 -1.54 7.97 7.27
N LYS C 118 -2.27 7.45 8.28
CA LYS C 118 -2.57 6.02 8.48
C LYS C 118 -3.72 5.90 9.49
N MET C 119 -4.52 4.83 9.43
CA MET C 119 -5.68 4.58 10.35
C MET C 119 -5.39 3.39 11.28
N GLU C 120 -4.73 2.36 10.75
CA GLU C 120 -4.72 1.00 11.33
C GLU C 120 -3.28 0.51 11.44
N PRO C 121 -2.84 -0.11 12.57
CA PRO C 121 -3.65 -0.22 13.79
C PRO C 121 -3.80 1.03 14.68
N HIS C 122 -2.88 1.98 14.60
CA HIS C 122 -3.03 3.32 15.24
C HIS C 122 -3.29 4.35 14.14
N MET C 123 -4.20 5.29 14.40
CA MET C 123 -4.32 6.51 13.56
C MET C 123 -3.11 7.42 13.84
N TRP C 124 -2.46 7.87 12.75
CA TRP C 124 -1.28 8.76 12.78
C TRP C 124 -1.61 10.02 11.99
N GLN C 125 -1.35 11.19 12.58
CA GLN C 125 -1.67 12.49 11.94
C GLN C 125 -0.40 13.34 11.84
N PHE C 126 -0.19 13.95 10.68
CA PHE C 126 0.81 15.03 10.51
C PHE C 126 0.16 16.38 10.83
N HIS C 127 0.77 17.16 11.73
CA HIS C 127 0.28 18.49 12.17
C HIS C 127 1.28 19.60 11.86
N GLN C 128 0.74 20.74 11.45
CA GLN C 128 1.43 22.03 11.20
C GLN C 128 0.48 23.17 11.62
N SER C 129 0.81 23.91 12.68
CA SER C 129 -0.04 25.01 13.20
C SER C 129 0.81 26.25 13.47
N VAL C 130 0.18 27.42 13.33
CA VAL C 130 0.69 28.72 13.82
C VAL C 130 -0.18 29.13 14.99
N SER C 131 0.42 29.31 16.17
CA SER C 131 -0.24 29.81 17.39
C SER C 131 -0.03 31.33 17.44
N GLU C 132 -1.14 32.09 17.50
CA GLU C 132 -1.21 33.57 17.49
C GLU C 132 -1.70 34.03 18.86
N LEU C 133 -0.82 34.63 19.67
CA LEU C 133 -1.15 35.25 20.98
C LEU C 133 -0.99 36.77 20.85
N ALA C 134 -1.46 37.55 21.83
CA ALA C 134 -1.39 39.03 21.77
C ALA C 134 0.09 39.46 21.61
N ASP C 135 1.02 38.69 22.19
CA ASP C 135 2.44 39.11 22.26
C ASP C 135 3.28 38.34 21.24
N GLY C 136 2.68 37.67 20.25
CA GLY C 136 3.41 37.07 19.12
C GLY C 136 2.91 35.70 18.69
N SER C 137 3.67 35.04 17.83
CA SER C 137 3.29 33.73 17.24
C SER C 137 4.43 32.71 17.34
N PHE C 138 4.08 31.44 17.30
CA PHE C 138 5.04 30.31 17.19
C PHE C 138 4.39 29.18 16.40
N GLU C 139 5.23 28.36 15.80
CA GLU C 139 4.86 27.28 14.87
C GLU C 139 5.01 25.95 15.60
N ALA C 140 4.17 24.99 15.28
CA ALA C 140 4.26 23.60 15.77
C ALA C 140 4.20 22.65 14.58
N VAL C 141 5.05 21.64 14.57
CA VAL C 141 5.09 20.63 13.50
C VAL C 141 5.40 19.31 14.19
N GLY C 142 4.74 18.24 13.76
CA GLY C 142 4.89 16.93 14.37
C GLY C 142 4.06 15.85 13.70
N VAL C 143 4.44 14.61 13.98
CA VAL C 143 3.73 13.38 13.56
C VAL C 143 3.25 12.71 14.84
N ILE C 144 1.94 12.74 15.08
CA ILE C 144 1.35 12.29 16.37
C ILE C 144 0.48 11.04 16.11
N ASP C 145 0.62 10.10 17.03
CA ASP C 145 -0.19 8.87 17.13
C ASP C 145 -1.42 9.22 17.97
N CYS C 146 -2.56 9.31 17.32
CA CYS C 146 -3.85 9.69 17.94
C CYS C 146 -4.34 8.53 18.82
N THR C 147 -4.14 7.29 18.41
CA THR C 147 -4.53 6.08 19.21
C THR C 147 -3.75 6.07 20.53
N ALA C 148 -2.46 6.43 20.53
CA ALA C 148 -1.69 6.57 21.78
C ALA C 148 -2.43 7.56 22.68
N MET C 149 -2.85 8.69 22.12
CA MET C 149 -3.56 9.78 22.84
C MET C 149 -4.85 9.22 23.47
N LEU C 150 -5.61 8.39 22.74
CA LEU C 150 -6.88 7.77 23.23
C LEU C 150 -6.58 6.88 24.43
N ARG C 151 -5.33 6.40 24.55
CA ARG C 151 -4.82 5.59 25.69
C ARG C 151 -4.25 6.51 26.79
N ARG C 152 -4.35 7.84 26.62
CA ARG C 152 -3.99 8.89 27.63
C ARG C 152 -2.49 9.19 27.58
N MET C 153 -1.85 8.96 26.43
CA MET C 153 -0.40 9.24 26.24
C MET C 153 -0.20 10.65 25.71
N THR C 154 0.94 11.24 26.07
CA THR C 154 1.37 12.57 25.64
C THR C 154 2.07 12.38 24.28
N GLN C 155 1.78 13.24 23.33
CA GLN C 155 2.57 13.36 22.10
C GLN C 155 3.31 14.72 22.18
N VAL C 156 4.34 14.91 21.37
CA VAL C 156 5.25 16.09 21.45
C VAL C 156 5.42 16.63 20.05
N LEU C 157 5.37 17.95 19.87
CA LEU C 157 5.62 18.60 18.56
C LEU C 157 6.84 19.53 18.68
N ARG C 158 7.56 19.71 17.58
CA ARG C 158 8.66 20.69 17.43
C ARG C 158 8.07 22.10 17.33
N VAL C 159 8.52 23.00 18.21
CA VAL C 159 8.02 24.40 18.27
C VAL C 159 9.13 25.34 17.80
N THR C 160 8.76 26.29 16.93
CA THR C 160 9.67 27.33 16.42
C THR C 160 9.02 28.70 16.62
N GLY C 161 9.60 29.57 17.44
CA GLY C 161 9.14 30.97 17.54
C GLY C 161 9.16 31.65 16.18
N ARG C 162 8.19 32.51 15.89
CA ARG C 162 8.11 33.23 14.58
C ARG C 162 8.07 34.74 14.77
N SER C 163 7.49 35.27 15.86
CA SER C 163 7.20 36.72 16.05
C SER C 163 7.04 37.03 17.55
N GLY C 164 7.34 38.27 17.92
CA GLY C 164 7.13 38.77 19.29
C GLY C 164 8.13 38.21 20.25
N ARG C 165 7.71 37.79 21.45
CA ARG C 165 8.63 37.27 22.48
C ARG C 165 9.02 35.82 22.13
N TYR C 166 8.35 35.14 21.19
CA TYR C 166 8.67 33.75 20.73
C TYR C 166 9.78 33.78 19.67
N ALA C 167 10.00 34.89 18.99
CA ALA C 167 10.95 35.01 17.87
C ALA C 167 12.35 34.50 18.26
N GLY C 168 12.93 33.67 17.38
CA GLY C 168 14.31 33.15 17.48
C GLY C 168 14.46 32.24 18.68
N LYS C 169 13.37 31.68 19.18
CA LYS C 169 13.40 30.63 20.23
C LYS C 169 12.82 29.36 19.64
N SER C 170 13.06 28.24 20.30
CA SER C 170 12.69 26.88 19.85
C SER C 170 12.39 26.01 21.07
N GLY C 171 11.70 24.92 20.86
CA GLY C 171 11.34 24.07 22.00
C GLY C 171 10.36 22.99 21.62
N PHE C 172 9.50 22.62 22.56
CA PHE C 172 8.52 21.53 22.35
C PHE C 172 7.16 21.91 22.91
N MET C 173 6.15 21.26 22.34
CA MET C 173 4.73 21.35 22.73
C MET C 173 4.30 19.93 23.09
N THR C 174 3.55 19.79 24.18
CA THR C 174 2.92 18.50 24.55
C THR C 174 1.43 18.60 24.30
N LEU C 175 0.82 17.48 23.90
CA LEU C 175 -0.64 17.29 23.75
C LEU C 175 -1.07 16.01 24.46
N ALA C 176 -2.20 16.06 25.15
CA ALA C 176 -2.92 14.92 25.74
C ALA C 176 -4.40 15.29 25.79
N ILE C 177 -5.32 14.32 25.85
CA ILE C 177 -6.76 14.60 26.15
C ILE C 177 -6.84 14.86 27.65
N SER C 178 -7.32 16.05 28.03
CA SER C 178 -7.47 16.55 29.44
C SER C 178 -8.46 15.64 30.19
N ASP C 179 -9.64 15.44 29.61
CA ASP C 179 -10.79 14.65 30.12
C ASP C 179 -11.24 13.68 29.03
N PRO C 180 -11.07 12.35 29.23
CA PRO C 180 -11.20 11.39 28.13
C PRO C 180 -12.62 11.22 27.58
N ASN C 181 -13.65 11.44 28.42
CA ASN C 181 -15.09 11.21 28.12
C ASN C 181 -15.82 12.57 28.01
N GLN C 182 -15.22 13.52 27.28
CA GLN C 182 -15.79 14.86 26.95
C GLN C 182 -15.94 14.94 25.44
N ARG C 183 -17.05 15.52 24.96
CA ARG C 183 -17.40 15.65 23.52
C ARG C 183 -18.01 17.03 23.30
N PRO C 184 -17.41 17.93 22.48
CA PRO C 184 -16.20 17.61 21.70
C PRO C 184 -14.92 17.66 22.53
N PRO C 185 -13.83 16.98 22.08
CA PRO C 185 -12.63 16.83 22.90
C PRO C 185 -11.87 18.14 23.22
N HIS C 186 -11.27 18.15 24.42
CA HIS C 186 -10.36 19.19 24.95
C HIS C 186 -8.95 18.60 25.19
N TYR C 187 -7.93 19.15 24.53
CA TYR C 187 -6.50 18.78 24.72
C TYR C 187 -5.84 19.67 25.79
N SER C 188 -4.99 19.06 26.63
CA SER C 188 -4.04 19.73 27.56
C SER C 188 -2.76 20.08 26.80
N VAL C 189 -2.29 21.31 26.91
CA VAL C 189 -1.12 21.77 26.12
C VAL C 189 -0.12 22.41 27.08
N GLN C 190 1.16 22.11 26.85
CA GLN C 190 2.30 22.88 27.39
C GLN C 190 3.12 23.26 26.17
N VAL C 191 3.80 24.41 26.25
CA VAL C 191 4.77 24.93 25.26
C VAL C 191 5.93 25.52 26.04
N VAL C 192 7.16 25.19 25.63
CA VAL C 192 8.42 25.64 26.26
C VAL C 192 9.42 25.90 25.13
N LEU C 193 9.86 27.15 24.97
CA LEU C 193 10.91 27.55 24.01
C LEU C 193 12.04 28.24 24.76
N CYS C 194 13.23 28.27 24.15
CA CYS C 194 14.39 29.12 24.56
C CYS C 194 15.26 29.39 23.33
N ILE D 32 -0.45 -5.44 27.49
CA ILE D 32 0.68 -4.49 27.32
C ILE D 32 0.87 -4.20 25.81
N VAL D 33 0.81 -5.21 24.94
CA VAL D 33 1.19 -5.13 23.50
C VAL D 33 0.20 -4.23 22.72
N ASP D 34 0.68 -3.09 22.20
CA ASP D 34 -0.10 -2.12 21.40
C ASP D 34 0.78 -1.52 20.30
N PRO D 35 1.08 -2.28 19.22
CA PRO D 35 1.85 -1.73 18.11
C PRO D 35 1.02 -0.78 17.23
N GLY D 36 1.69 0.22 16.64
CA GLY D 36 1.09 1.25 15.78
C GLY D 36 2.11 1.74 14.77
N PRO D 37 2.56 0.87 13.85
CA PRO D 37 3.62 1.21 12.90
C PRO D 37 3.21 2.32 11.94
N LEU D 38 4.20 2.88 11.24
CA LEU D 38 4.06 3.82 10.11
C LEU D 38 4.73 3.23 8.86
N ASP D 39 3.99 3.05 7.78
CA ASP D 39 4.58 2.65 6.47
C ASP D 39 5.42 3.82 5.93
N VAL D 40 6.27 3.57 4.93
CA VAL D 40 7.22 4.58 4.39
C VAL D 40 6.47 5.64 3.59
N THR D 41 5.38 5.26 2.92
CA THR D 41 4.55 6.13 2.05
C THR D 41 3.89 7.24 2.90
N ALA D 42 3.35 6.84 4.05
CA ALA D 42 2.85 7.71 5.14
C ALA D 42 3.95 8.68 5.59
N LEU D 43 5.12 8.12 5.90
CA LEU D 43 6.33 8.87 6.33
C LEU D 43 6.72 9.87 5.25
N ALA D 44 6.60 9.50 3.97
CA ALA D 44 6.96 10.35 2.81
C ALA D 44 5.92 11.47 2.62
N VAL D 45 4.66 11.21 2.90
CA VAL D 45 3.62 12.27 2.85
C VAL D 45 4.03 13.30 3.92
N ALA D 46 4.32 12.82 5.13
CA ALA D 46 4.69 13.66 6.29
C ALA D 46 5.91 14.52 5.93
N ALA D 47 6.99 13.87 5.46
CA ALA D 47 8.25 14.54 5.06
C ALA D 47 7.92 15.64 4.05
N ALA D 48 7.18 15.30 3.00
CA ALA D 48 6.85 16.24 1.91
C ALA D 48 5.99 17.39 2.45
N LEU D 49 5.04 17.11 3.35
CA LEU D 49 4.27 18.22 3.99
C LEU D 49 5.27 19.11 4.73
N ALA D 50 6.12 18.52 5.56
CA ALA D 50 7.07 19.22 6.46
C ALA D 50 7.97 20.15 5.66
N ALA D 51 8.21 19.84 4.39
CA ALA D 51 9.19 20.53 3.51
C ALA D 51 8.50 21.56 2.61
N GLY D 52 7.16 21.65 2.66
CA GLY D 52 6.38 22.70 2.00
C GLY D 52 5.58 22.24 0.80
N LEU D 53 5.53 20.92 0.51
CA LEU D 53 4.76 20.36 -0.64
C LEU D 53 3.33 20.05 -0.15
N HIS D 54 2.51 21.09 -0.03
CA HIS D 54 1.18 21.08 0.67
C HIS D 54 0.18 20.17 -0.05
N SER D 55 0.47 19.82 -1.31
CA SER D 55 -0.33 18.89 -2.16
C SER D 55 -0.09 17.42 -1.80
N ALA D 56 0.95 17.12 -1.00
CA ALA D 56 1.62 15.80 -0.88
C ALA D 56 0.63 14.63 -0.69
N ALA D 57 -0.51 14.84 -0.02
CA ALA D 57 -1.49 13.77 0.35
C ALA D 57 -2.38 13.40 -0.84
N ASP D 58 -2.47 14.28 -1.86
CA ASP D 58 -3.33 14.09 -3.06
C ASP D 58 -2.82 12.90 -3.88
N ASP D 59 -1.52 12.58 -3.78
CA ASP D 59 -0.88 11.37 -4.37
C ASP D 59 0.27 10.91 -3.49
N PRO D 60 0.06 9.91 -2.60
CA PRO D 60 1.14 9.37 -1.77
C PRO D 60 2.35 8.84 -2.56
N ALA D 61 2.11 8.06 -3.61
CA ALA D 61 3.15 7.37 -4.43
C ALA D 61 4.11 8.40 -5.05
N ALA D 62 3.60 9.58 -5.45
CA ALA D 62 4.39 10.72 -5.96
C ALA D 62 5.21 11.34 -4.81
N ALA D 63 4.66 11.39 -3.59
CA ALA D 63 5.39 11.80 -2.38
C ALA D 63 6.57 10.84 -2.14
N LEU D 64 6.31 9.53 -2.11
CA LEU D 64 7.34 8.49 -1.90
C LEU D 64 8.45 8.58 -2.96
N ASP D 65 8.10 8.91 -4.20
CA ASP D 65 9.02 8.87 -5.37
C ASP D 65 10.01 10.03 -5.29
N LYS D 66 9.65 11.13 -4.63
CA LYS D 66 10.50 12.34 -4.55
C LYS D 66 11.22 12.41 -3.19
N CYS D 67 11.14 11.35 -2.37
CA CYS D 67 11.81 11.27 -1.06
C CYS D 67 13.03 10.36 -1.16
N ILE D 68 13.97 10.49 -0.23
CA ILE D 68 15.02 9.46 0.05
C ILE D 68 14.47 8.50 1.11
N VAL D 69 14.47 7.21 0.81
CA VAL D 69 13.92 6.15 1.70
C VAL D 69 15.08 5.30 2.22
N LEU D 70 15.09 5.07 3.53
CA LEU D 70 15.86 4.00 4.20
C LEU D 70 14.85 3.19 4.98
N ASP D 71 14.61 1.94 4.62
CA ASP D 71 13.74 1.04 5.42
C ASP D 71 14.35 -0.38 5.41
N GLU D 72 13.57 -1.38 5.84
CA GLU D 72 14.02 -2.79 6.01
C GLU D 72 15.46 -2.75 6.51
N LEU D 73 15.69 -1.95 7.58
CA LEU D 73 16.94 -1.94 8.39
C LEU D 73 16.63 -1.80 9.90
N THR D 74 17.54 -2.26 10.74
CA THR D 74 17.42 -2.23 12.21
C THR D 74 18.69 -1.64 12.82
N GLU D 75 18.70 -1.45 14.14
CA GLU D 75 19.90 -0.97 14.86
C GLU D 75 19.98 -1.64 16.22
N PHE D 76 21.12 -1.56 16.88
CA PHE D 76 21.36 -2.14 18.21
C PHE D 76 22.59 -1.45 18.80
N ALA D 77 22.69 -1.41 20.11
CA ALA D 77 23.80 -0.73 20.81
C ALA D 77 25.04 -1.61 20.71
N GLU D 78 26.10 -1.10 20.10
CA GLU D 78 27.45 -1.73 20.09
C GLU D 78 28.21 -1.26 21.35
N LYS D 79 28.14 0.03 21.64
CA LYS D 79 28.84 0.70 22.78
C LYS D 79 27.83 1.59 23.52
N LEU D 80 27.68 1.41 24.82
CA LEU D 80 26.92 2.33 25.70
C LEU D 80 27.85 2.88 26.79
N VAL D 81 28.02 4.20 26.90
CA VAL D 81 28.61 4.86 28.09
C VAL D 81 27.51 5.68 28.78
N VAL D 82 26.98 5.19 29.91
CA VAL D 82 25.93 5.79 30.75
C VAL D 82 26.59 6.53 31.91
N HIS D 83 26.17 7.75 32.23
CA HIS D 83 26.50 8.45 33.51
C HIS D 83 25.22 8.52 34.34
N ASP D 84 25.14 7.70 35.38
CA ASP D 84 23.94 7.47 36.21
C ASP D 84 23.89 8.58 37.28
N ARG D 85 22.73 9.24 37.36
CA ARG D 85 22.37 10.21 38.43
C ARG D 85 21.35 9.52 39.34
N PRO D 86 21.41 9.72 40.67
CA PRO D 86 20.37 9.20 41.57
C PRO D 86 19.00 9.81 41.19
N GLY D 87 17.95 8.98 41.27
CA GLY D 87 16.58 9.30 40.83
C GLY D 87 16.32 8.82 39.40
N GLY D 88 17.38 8.70 38.60
CA GLY D 88 17.31 8.41 37.15
C GLY D 88 17.38 9.69 36.32
N ILE D 89 16.79 10.77 36.81
CA ILE D 89 16.63 12.06 36.05
C ILE D 89 18.01 12.71 35.90
N GLY D 90 18.42 13.00 34.64
CA GLY D 90 19.72 13.60 34.30
C GLY D 90 20.75 12.58 33.82
N THR D 91 20.38 11.30 33.83
CA THR D 91 21.21 10.17 33.33
C THR D 91 21.53 10.49 31.86
N THR D 92 22.81 10.52 31.49
CA THR D 92 23.28 10.66 30.09
C THR D 92 23.70 9.29 29.55
N VAL D 93 23.59 9.10 28.23
CA VAL D 93 23.97 7.85 27.52
C VAL D 93 24.64 8.28 26.22
N GLU D 94 25.95 8.07 26.11
CA GLU D 94 26.74 8.17 24.86
C GLU D 94 26.67 6.78 24.22
N TYR D 95 26.01 6.65 23.07
CA TYR D 95 25.86 5.34 22.36
C TYR D 95 26.46 5.43 20.96
N VAL D 96 27.11 4.33 20.54
CA VAL D 96 27.34 3.96 19.11
C VAL D 96 26.36 2.82 18.78
N GLU D 97 25.41 3.10 17.90
CA GLU D 97 24.40 2.14 17.41
C GLU D 97 24.87 1.67 16.03
N VAL D 98 24.63 0.41 15.67
CA VAL D 98 25.00 -0.19 14.36
C VAL D 98 23.73 -0.49 13.56
N TYR D 99 23.68 0.04 12.35
CA TYR D 99 22.60 -0.22 11.37
C TYR D 99 22.92 -1.54 10.65
N GLU D 100 21.96 -2.45 10.63
CA GLU D 100 21.99 -3.73 9.87
C GLU D 100 20.82 -3.70 8.87
N ASP D 101 21.07 -4.13 7.63
CA ASP D 101 20.02 -4.32 6.60
C ASP D 101 19.28 -5.62 6.92
N ALA D 102 18.39 -6.05 6.02
CA ALA D 102 17.48 -7.20 6.23
C ALA D 102 18.29 -8.51 6.34
N SER D 103 19.51 -8.54 5.78
CA SER D 103 20.45 -9.70 5.77
C SER D 103 21.35 -9.74 7.02
N GLY D 104 21.23 -8.79 7.94
CA GLY D 104 22.20 -8.62 9.05
C GLY D 104 23.48 -7.89 8.63
N VAL D 105 23.62 -7.43 7.38
CA VAL D 105 24.86 -6.74 6.93
C VAL D 105 24.86 -5.32 7.51
N ARG D 106 26.06 -4.89 7.88
CA ARG D 106 26.32 -3.72 8.73
C ARG D 106 26.41 -2.54 7.79
N LEU D 107 25.47 -1.60 7.88
CA LEU D 107 25.32 -0.49 6.90
C LEU D 107 26.12 0.73 7.33
N GLY D 108 26.49 0.82 8.60
CA GLY D 108 27.09 2.02 9.22
C GLY D 108 26.60 2.17 10.65
N THR D 109 26.78 3.36 11.22
CA THR D 109 26.56 3.64 12.66
C THR D 109 25.70 4.87 12.88
N ALA D 110 24.96 4.92 13.99
CA ALA D 110 24.35 6.13 14.57
C ALA D 110 25.09 6.45 15.87
N THR D 111 25.81 7.58 15.92
CA THR D 111 26.58 8.04 17.10
C THR D 111 25.82 9.19 17.79
N GLY D 112 25.36 8.99 19.02
CA GLY D 112 24.53 9.97 19.73
C GLY D 112 24.68 9.99 21.24
N ASN D 113 23.91 10.90 21.82
CA ASN D 113 23.73 11.21 23.25
C ASN D 113 22.23 11.18 23.51
N ALA D 114 21.83 10.60 24.63
CA ALA D 114 20.45 10.67 25.16
C ALA D 114 20.52 11.28 26.56
N VAL D 115 19.53 12.07 26.95
CA VAL D 115 19.36 12.54 28.35
C VAL D 115 17.98 12.10 28.82
N VAL D 116 17.90 11.60 30.05
CA VAL D 116 16.65 11.18 30.75
C VAL D 116 16.02 12.44 31.35
N LEU D 117 14.78 12.71 30.91
CA LEU D 117 13.99 13.91 31.22
C LEU D 117 13.08 13.64 32.43
N LYS D 118 12.56 12.41 32.47
CA LYS D 118 11.50 11.96 33.39
C LYS D 118 11.53 10.42 33.43
N MET D 119 11.10 9.82 34.55
CA MET D 119 11.14 8.35 34.76
C MET D 119 9.71 7.83 34.95
N GLU D 120 8.95 8.45 35.85
CA GLU D 120 7.59 8.01 36.29
C GLU D 120 6.57 9.03 35.79
N PRO D 121 5.35 8.66 35.35
CA PRO D 121 4.95 7.28 35.07
C PRO D 121 5.56 6.63 33.82
N HIS D 122 5.99 7.46 32.87
CA HIS D 122 6.70 7.03 31.63
C HIS D 122 8.11 7.62 31.65
N MET D 123 9.10 6.86 31.16
CA MET D 123 10.49 7.34 30.95
C MET D 123 10.56 8.03 29.58
N TRP D 124 11.08 9.25 29.59
CA TRP D 124 11.25 10.14 28.42
C TRP D 124 12.72 10.48 28.29
N GLN D 125 13.25 10.47 27.06
CA GLN D 125 14.67 10.77 26.79
C GLN D 125 14.76 11.77 25.65
N PHE D 126 15.59 12.78 25.83
CA PHE D 126 16.06 13.63 24.73
C PHE D 126 17.12 12.84 23.95
N HIS D 127 17.03 12.83 22.62
CA HIS D 127 17.97 12.08 21.76
C HIS D 127 18.49 13.00 20.67
N GLN D 128 19.78 12.84 20.37
CA GLN D 128 20.52 13.56 19.30
C GLN D 128 21.60 12.61 18.77
N SER D 129 21.58 12.30 17.49
CA SER D 129 22.50 11.32 16.87
C SER D 129 22.96 11.82 15.50
N VAL D 130 24.22 11.53 15.15
CA VAL D 130 24.74 11.61 13.76
C VAL D 130 24.80 10.18 13.19
N SER D 131 24.10 9.93 12.09
CA SER D 131 24.11 8.66 11.33
C SER D 131 25.08 8.75 10.16
N GLU D 132 26.06 7.86 10.13
CA GLU D 132 27.11 7.70 9.07
C GLU D 132 26.83 6.42 8.27
N LEU D 133 26.46 6.56 6.99
CA LEU D 133 26.39 5.42 6.04
C LEU D 133 27.39 5.64 4.91
N ALA D 134 27.50 4.65 4.01
CA ALA D 134 28.41 4.65 2.83
C ALA D 134 28.11 5.87 1.95
N ASP D 135 26.83 6.25 1.82
CA ASP D 135 26.31 7.25 0.84
C ASP D 135 25.99 8.60 1.51
N GLY D 136 26.39 8.81 2.77
CA GLY D 136 26.33 10.12 3.43
C GLY D 136 25.91 10.03 4.88
N SER D 137 25.56 11.18 5.47
CA SER D 137 25.21 11.35 6.91
C SER D 137 23.94 12.21 7.11
N PHE D 138 23.30 12.05 8.27
CA PHE D 138 22.12 12.84 8.71
C PHE D 138 22.03 12.89 10.24
N GLU D 139 21.48 14.00 10.72
CA GLU D 139 21.21 14.25 12.15
C GLU D 139 19.75 13.86 12.45
N ALA D 140 19.55 13.13 13.55
CA ALA D 140 18.25 12.83 14.18
C ALA D 140 18.16 13.56 15.53
N VAL D 141 17.01 14.18 15.82
CA VAL D 141 16.75 14.88 17.12
C VAL D 141 15.32 14.56 17.51
N GLY D 142 15.09 14.30 18.78
CA GLY D 142 13.72 14.05 19.24
C GLY D 142 13.65 13.78 20.71
N VAL D 143 12.41 13.67 21.18
CA VAL D 143 12.02 13.43 22.59
C VAL D 143 11.13 12.21 22.56
N ILE D 144 11.59 11.08 23.08
CA ILE D 144 10.88 9.79 22.91
C ILE D 144 10.46 9.24 24.27
N ASP D 145 9.21 8.79 24.32
CA ASP D 145 8.55 8.04 25.41
C ASP D 145 9.06 6.59 25.36
N CYS D 146 10.02 6.24 26.22
CA CYS D 146 10.66 4.90 26.25
C CYS D 146 9.66 3.86 26.76
N THR D 147 8.82 4.23 27.72
CA THR D 147 7.78 3.35 28.29
C THR D 147 6.82 2.94 27.16
N ALA D 148 6.51 3.86 26.25
CA ALA D 148 5.56 3.59 25.15
C ALA D 148 6.21 2.60 24.16
N MET D 149 7.54 2.66 24.02
CA MET D 149 8.29 1.71 23.16
C MET D 149 8.20 0.30 23.77
N LEU D 150 8.21 0.21 25.11
CA LEU D 150 8.06 -1.09 25.82
C LEU D 150 6.68 -1.68 25.50
N ARG D 151 5.69 -0.83 25.22
CA ARG D 151 4.32 -1.25 24.82
C ARG D 151 4.33 -1.58 23.32
N ARG D 152 5.47 -1.41 22.63
CA ARG D 152 5.72 -1.78 21.20
C ARG D 152 5.22 -0.67 20.26
N MET D 153 5.01 0.53 20.79
CA MET D 153 4.57 1.70 19.98
C MET D 153 5.78 2.30 19.28
N THR D 154 5.55 2.98 18.17
CA THR D 154 6.57 3.66 17.35
C THR D 154 6.73 5.11 17.85
N GLN D 155 7.96 5.63 17.81
CA GLN D 155 8.32 7.02 18.17
C GLN D 155 8.88 7.70 16.92
N VAL D 156 8.79 9.01 16.84
CA VAL D 156 9.26 9.74 15.63
C VAL D 156 10.36 10.67 16.08
N LEU D 157 11.44 10.76 15.31
CA LEU D 157 12.50 11.77 15.52
C LEU D 157 12.50 12.66 14.29
N ARG D 158 12.98 13.89 14.42
CA ARG D 158 13.15 14.82 13.27
C ARG D 158 14.54 14.59 12.69
N VAL D 159 14.61 14.42 11.37
CA VAL D 159 15.87 14.18 10.64
C VAL D 159 16.21 15.38 9.76
N THR D 160 17.47 15.79 9.79
CA THR D 160 18.12 16.80 8.90
C THR D 160 19.34 16.15 8.21
N GLY D 161 19.36 16.02 6.89
CA GLY D 161 20.54 15.52 6.15
C GLY D 161 21.74 16.44 6.30
N ARG D 162 22.97 15.91 6.22
CA ARG D 162 24.25 16.65 6.33
C ARG D 162 25.13 16.44 5.09
N SER D 163 25.17 15.23 4.51
CA SER D 163 26.08 14.90 3.38
C SER D 163 25.60 13.67 2.61
N GLY D 164 26.30 13.39 1.50
CA GLY D 164 25.90 12.42 0.47
C GLY D 164 24.50 12.74 -0.06
N ARG D 165 23.70 11.73 -0.33
CA ARG D 165 22.37 11.92 -0.96
C ARG D 165 21.39 12.58 0.02
N TYR D 166 21.75 12.73 1.31
CA TYR D 166 20.89 13.30 2.38
C TYR D 166 21.00 14.82 2.47
N ALA D 167 22.10 15.41 1.99
CA ALA D 167 22.38 16.86 2.15
C ALA D 167 21.19 17.70 1.68
N GLY D 168 20.83 18.73 2.45
CA GLY D 168 19.77 19.72 2.17
C GLY D 168 18.39 19.08 2.06
N LYS D 169 18.20 17.90 2.66
CA LYS D 169 16.88 17.25 2.81
C LYS D 169 16.57 17.08 4.30
N SER D 170 15.30 16.84 4.60
CA SER D 170 14.76 16.82 5.99
C SER D 170 13.58 15.85 5.99
N GLY D 171 13.30 15.27 7.14
CA GLY D 171 12.10 14.45 7.30
C GLY D 171 12.07 13.81 8.66
N PHE D 172 11.79 12.51 8.69
CA PHE D 172 11.43 11.79 9.93
C PHE D 172 12.14 10.43 9.98
N MET D 173 12.27 9.93 11.21
CA MET D 173 12.82 8.61 11.55
C MET D 173 11.79 7.94 12.44
N THR D 174 11.47 6.67 12.18
CA THR D 174 10.68 5.82 13.11
C THR D 174 11.62 4.89 13.90
N LEU D 175 11.22 4.61 15.14
CA LEU D 175 11.84 3.59 16.03
C LEU D 175 10.74 2.78 16.71
N ALA D 176 10.86 1.46 16.65
CA ALA D 176 10.11 0.47 17.44
C ALA D 176 11.06 -0.69 17.69
N ILE D 177 10.96 -1.41 18.82
CA ILE D 177 11.77 -2.65 19.02
C ILE D 177 11.24 -3.69 18.01
N SER D 178 12.13 -4.46 17.39
CA SER D 178 11.73 -5.55 16.45
C SER D 178 11.27 -6.76 17.27
N ASP D 179 12.20 -7.39 18.03
CA ASP D 179 11.95 -8.63 18.83
C ASP D 179 12.29 -8.33 20.29
N PRO D 180 11.30 -8.20 21.20
CA PRO D 180 11.58 -7.75 22.58
C PRO D 180 12.35 -8.77 23.42
N ASN D 181 12.33 -10.05 23.02
CA ASN D 181 13.01 -11.20 23.69
C ASN D 181 14.49 -11.25 23.28
N GLN D 182 14.78 -10.90 22.02
CA GLN D 182 16.15 -10.76 21.44
C GLN D 182 17.03 -9.90 22.35
N ARG D 183 18.28 -10.34 22.55
CA ARG D 183 19.36 -9.56 23.23
C ARG D 183 20.57 -9.52 22.29
N PRO D 184 21.26 -8.37 22.17
CA PRO D 184 20.84 -7.12 22.81
C PRO D 184 19.56 -6.61 22.12
N PRO D 185 18.84 -5.63 22.71
CA PRO D 185 17.61 -5.13 22.10
C PRO D 185 17.93 -4.51 20.73
N HIS D 186 17.14 -4.88 19.72
CA HIS D 186 17.19 -4.33 18.34
C HIS D 186 15.99 -3.41 18.12
N TYR D 187 16.12 -2.45 17.21
CA TYR D 187 15.06 -1.47 16.90
C TYR D 187 14.94 -1.36 15.39
N SER D 188 13.73 -1.55 14.87
CA SER D 188 13.33 -1.27 13.48
C SER D 188 13.43 0.24 13.22
N VAL D 189 14.09 0.59 12.13
CA VAL D 189 14.39 2.00 11.78
C VAL D 189 13.81 2.24 10.40
N GLN D 190 13.21 3.39 10.21
CA GLN D 190 12.87 3.92 8.87
C GLN D 190 13.25 5.41 8.87
N VAL D 191 13.87 5.87 7.80
CA VAL D 191 14.24 7.31 7.58
C VAL D 191 13.77 7.72 6.18
N VAL D 192 13.07 8.84 6.11
CA VAL D 192 12.47 9.41 4.86
C VAL D 192 12.66 10.92 4.91
N LEU D 193 13.26 11.50 3.87
CA LEU D 193 13.52 12.95 3.77
C LEU D 193 13.10 13.42 2.39
N CYS D 194 12.89 14.71 2.24
CA CYS D 194 13.00 15.42 0.94
C CYS D 194 13.39 16.87 1.22
#